data_2XFP
#
_entry.id   2XFP
#
_cell.length_a   131.080
_cell.length_b   222.610
_cell.length_c   86.400
_cell.angle_alpha   90.00
_cell.angle_beta   90.00
_cell.angle_gamma   90.00
#
_symmetry.space_group_name_H-M   'C 2 2 2'
#
loop_
_entity.id
_entity.type
_entity.pdbx_description
1 polymer 'Amine oxidase [flavin-containing] B'
2 non-polymer 'FLAVIN-ADENINE DINUCLEOTIDE'
3 non-polymer ISATIN
4 non-polymer 2-(2-BENZOFURANYL)-2-IMIDAZOLINE
5 non-polymer N-DODECYL-N,N-DIMETHYL-3-AMMONIO-1-PROPANESULFONATE
6 water water
#
_entity_poly.entity_id   1
_entity_poly.type   'polypeptide(L)'
_entity_poly.pdbx_seq_one_letter_code
;MSNKCDVVVVGGGISGMAAAKLLHDSGLNVVVLEARDRVGGRTYTLRNQKVKYVDLGGSYVGPTQNRILRLAKELGLETY
KVNEVERLIHHVKGKSYPFRGPFPPVWNPITYLDHNNFWRTMDDMGREIPSDAPWKAPLAEEWDNMTMKELLDKLCWTES
AKQLATLFVNLCVTAETHEVSALWFLWYVKQCGGTTRIISTTNGGQERKFVGGSGQVSERIMDLLGDRVKLERPVIYIDQ
TRENVLVETLNHEMYEAKYVISAIPPTLGMKIHFNPPLPMMRNQMITRVPLGSVIKCIVYYKEPFWRKKDYCGTMIIDGE
EAPVAYTLDDTKPEGNYAAIMGFILAHKARKLARLTKEERLKKLCELYAKVLGSLEALEPVHYEEKNWCEEQYSGGCYTT
YFPPGILTQYGRVLRQPVDRIYFAGTETATHWSGYMEGAVEAGERAAREILHAMGKIPEDEIWQSEPESVDVPAQPITTT
FLERHLPSVPGLLRLIGLTTIFSATALGFLAHKRGLLVRV
;
_entity_poly.pdbx_strand_id   A,B
#
# COMPACT_ATOMS: atom_id res chain seq x y z
N ASN A 3 -28.02 3.78 22.81
CA ASN A 3 -27.55 3.75 21.36
C ASN A 3 -27.69 5.06 20.59
N LYS A 4 -28.37 6.06 21.17
CA LYS A 4 -28.29 7.45 20.68
C LYS A 4 -27.25 8.17 21.50
N CYS A 5 -26.36 8.94 20.85
CA CYS A 5 -25.36 9.69 21.63
C CYS A 5 -24.93 10.90 20.83
N ASP A 6 -24.03 11.73 21.41
CA ASP A 6 -23.48 12.85 20.67
C ASP A 6 -22.41 12.38 19.67
N VAL A 7 -21.52 11.50 20.17
CA VAL A 7 -20.32 11.13 19.33
C VAL A 7 -20.03 9.67 19.48
N VAL A 8 -19.86 8.96 18.33
CA VAL A 8 -19.37 7.61 18.39
C VAL A 8 -17.86 7.74 18.05
N VAL A 9 -17.05 7.08 18.89
CA VAL A 9 -15.59 6.96 18.65
C VAL A 9 -15.42 5.53 18.20
N VAL A 10 -14.82 5.33 17.04
CA VAL A 10 -14.59 4.02 16.51
C VAL A 10 -13.09 3.72 16.85
N GLY A 11 -12.94 2.74 17.74
CA GLY A 11 -11.59 2.34 18.23
C GLY A 11 -11.32 2.83 19.63
N GLY A 12 -10.93 1.88 20.46
CA GLY A 12 -10.61 2.16 21.89
C GLY A 12 -9.11 1.92 22.17
N GLY A 13 -8.26 2.33 21.23
CA GLY A 13 -6.79 2.47 21.56
C GLY A 13 -6.63 3.78 22.34
N ILE A 14 -5.39 4.18 22.60
CA ILE A 14 -5.17 5.42 23.35
C ILE A 14 -5.81 6.61 22.69
N SER A 15 -5.70 6.68 21.32
CA SER A 15 -6.24 7.88 20.69
C SER A 15 -7.78 7.97 20.81
N GLY A 16 -8.49 6.86 20.56
CA GLY A 16 -9.98 6.89 20.70
C GLY A 16 -10.35 7.14 22.19
N MET A 17 -9.60 6.53 23.13
CA MET A 17 -9.85 6.73 24.57
C MET A 17 -9.55 8.17 24.95
N ALA A 18 -8.45 8.77 24.45
CA ALA A 18 -8.20 10.17 24.77
C ALA A 18 -9.27 11.07 24.21
N ALA A 19 -9.74 10.81 22.98
CA ALA A 19 -10.81 11.64 22.41
C ALA A 19 -12.09 11.48 23.24
N ALA A 20 -12.47 10.24 23.51
CA ALA A 20 -13.71 9.96 24.26
C ALA A 20 -13.66 10.64 25.66
N LYS A 21 -12.50 10.57 26.33
CA LYS A 21 -12.41 11.21 27.63
C LYS A 21 -12.61 12.71 27.53
N LEU A 22 -11.98 13.35 26.55
CA LEU A 22 -12.12 14.78 26.44
C LEU A 22 -13.57 15.17 26.20
N LEU A 23 -14.21 14.46 25.26
CA LEU A 23 -15.60 14.78 24.91
C LEU A 23 -16.49 14.52 26.13
N HIS A 24 -16.24 13.41 26.82
CA HIS A 24 -17.02 13.11 28.09
C HIS A 24 -16.85 14.19 29.16
N ASP A 25 -15.62 14.61 29.38
CA ASP A 25 -15.27 15.68 30.31
C ASP A 25 -15.90 17.02 29.96
N SER A 26 -16.12 17.27 28.66
CA SER A 26 -16.76 18.51 28.22
CA SER A 26 -16.74 18.51 28.23
C SER A 26 -18.29 18.44 28.36
N GLY A 27 -18.82 17.33 28.87
CA GLY A 27 -20.26 17.16 29.03
C GLY A 27 -21.02 16.47 27.89
N LEU A 28 -20.34 15.93 26.87
CA LEU A 28 -21.05 15.21 25.81
C LEU A 28 -21.26 13.71 26.15
N ASN A 29 -22.22 13.08 25.47
CA ASN A 29 -22.57 11.68 25.65
C ASN A 29 -21.83 10.94 24.54
N VAL A 30 -20.84 10.18 24.94
CA VAL A 30 -19.98 9.48 23.92
C VAL A 30 -20.13 7.97 24.04
N VAL A 31 -19.93 7.25 22.93
CA VAL A 31 -19.81 5.79 22.98
C VAL A 31 -18.53 5.43 22.26
N VAL A 32 -17.79 4.44 22.80
CA VAL A 32 -16.57 3.97 22.10
C VAL A 32 -16.89 2.56 21.60
N LEU A 33 -16.78 2.31 20.30
CA LEU A 33 -17.01 1.00 19.77
C LEU A 33 -15.67 0.36 19.49
N GLU A 34 -15.33 -0.70 20.24
CA GLU A 34 -14.00 -1.33 20.10
C GLU A 34 -14.19 -2.71 19.52
N ALA A 35 -13.44 -3.04 18.46
CA ALA A 35 -13.56 -4.34 17.85
C ALA A 35 -13.14 -5.55 18.76
N ARG A 36 -12.10 -5.34 19.57
CA ARG A 36 -11.52 -6.45 20.37
C ARG A 36 -12.31 -6.65 21.68
N ASP A 37 -11.96 -7.74 22.33
CA ASP A 37 -12.42 -7.89 23.71
C ASP A 37 -11.62 -7.13 24.77
N ARG A 38 -10.84 -6.13 24.38
CA ARG A 38 -10.07 -5.32 25.34
C ARG A 38 -9.86 -3.99 24.65
N VAL A 39 -9.54 -3.00 25.46
CA VAL A 39 -9.09 -1.68 25.02
C VAL A 39 -7.53 -1.67 24.97
N GLY A 40 -7.00 -0.66 24.30
CA GLY A 40 -5.51 -0.50 24.30
C GLY A 40 -4.89 -0.65 22.89
N GLY A 41 -5.46 -1.50 22.03
CA GLY A 41 -5.07 -1.55 20.63
C GLY A 41 -3.60 -2.04 20.44
N ARG A 42 -2.80 -1.17 19.84
CA ARG A 42 -1.35 -1.43 19.68
C ARG A 42 -0.56 -1.35 20.99
N THR A 43 -1.25 -0.96 22.12
CA THR A 43 -0.64 -1.27 23.44
C THR A 43 -1.36 -2.47 24.00
N TYR A 44 -0.62 -3.35 24.72
CA TYR A 44 -1.18 -4.56 25.27
C TYR A 44 -0.19 -4.95 26.36
N THR A 45 -0.71 -4.92 27.58
CA THR A 45 0.05 -5.32 28.78
C THR A 45 -0.44 -6.69 29.24
N LEU A 46 0.40 -7.71 29.07
CA LEU A 46 0.10 -9.05 29.52
C LEU A 46 0.42 -9.18 31.00
N ARG A 47 -0.50 -9.80 31.77
CA ARG A 47 -0.20 -10.08 33.18
C ARG A 47 -0.26 -11.59 33.42
N ASN A 48 0.81 -12.13 34.03
CA ASN A 48 0.77 -13.51 34.50
C ASN A 48 1.80 -13.62 35.67
N GLN A 49 1.87 -14.77 36.30
CA GLN A 49 2.71 -14.87 37.48
C GLN A 49 4.18 -14.92 37.12
N LYS A 50 4.51 -15.41 35.94
CA LYS A 50 5.95 -15.48 35.57
C LYS A 50 6.57 -14.15 35.21
N VAL A 51 5.77 -13.19 34.73
CA VAL A 51 6.37 -11.89 34.32
C VAL A 51 5.91 -10.72 35.21
N LYS A 52 4.85 -10.98 36.01
CA LYS A 52 4.06 -9.94 36.72
C LYS A 52 3.24 -9.12 35.69
N TYR A 53 3.93 -8.28 34.90
CA TYR A 53 3.30 -7.59 33.76
C TYR A 53 4.38 -7.37 32.70
N VAL A 54 3.95 -7.30 31.43
CA VAL A 54 4.96 -7.01 30.36
C VAL A 54 4.20 -6.36 29.20
N ASP A 55 4.79 -5.26 28.69
CA ASP A 55 4.24 -4.60 27.48
C ASP A 55 4.64 -5.37 26.26
N LEU A 56 3.65 -5.96 25.58
CA LEU A 56 3.87 -6.69 24.32
C LEU A 56 3.68 -5.76 23.07
N GLY A 57 3.01 -4.63 23.27
CA GLY A 57 2.94 -3.56 22.22
C GLY A 57 3.73 -2.34 22.66
N GLY A 58 3.16 -1.17 22.38
CA GLY A 58 3.87 0.13 22.66
C GLY A 58 4.19 0.18 24.16
N SER A 59 5.36 0.72 24.51
CA SER A 59 5.83 0.67 25.91
C SER A 59 6.52 1.98 26.33
N TYR A 60 7.37 2.50 25.50
CA TYR A 60 8.27 3.58 26.02
C TYR A 60 7.73 4.95 25.78
N VAL A 61 8.06 5.81 26.74
CA VAL A 61 7.80 7.23 26.56
C VAL A 61 9.09 8.01 26.92
N GLY A 62 9.12 9.29 26.55
CA GLY A 62 10.30 10.07 26.88
C GLY A 62 10.11 11.56 26.81
N PRO A 63 11.18 12.29 27.09
CA PRO A 63 11.11 13.78 27.05
C PRO A 63 10.58 14.30 25.73
N THR A 64 9.82 15.38 25.84
CA THR A 64 9.04 15.99 24.75
C THR A 64 7.73 15.31 24.38
N GLN A 65 7.41 14.18 25.01
CA GLN A 65 6.11 13.53 24.83
C GLN A 65 5.19 13.99 25.93
N ASN A 66 4.86 15.31 25.97
CA ASN A 66 4.20 15.82 27.15
C ASN A 66 2.76 15.48 27.31
N ARG A 67 2.09 15.15 26.17
CA ARG A 67 0.63 14.81 26.26
C ARG A 67 0.40 13.43 26.85
N ILE A 68 1.14 12.39 26.42
CA ILE A 68 0.93 11.11 27.04
C ILE A 68 1.39 11.15 28.52
N LEU A 69 2.45 11.95 28.81
CA LEU A 69 2.90 11.96 30.16
C LEU A 69 1.81 12.62 31.08
N ARG A 70 1.19 13.70 30.55
CA ARG A 70 0.20 14.44 31.32
C ARG A 70 -1.05 13.51 31.49
N LEU A 71 -1.50 12.89 30.41
CA LEU A 71 -2.64 11.95 30.46
C LEU A 71 -2.37 10.83 31.47
N ALA A 72 -1.19 10.20 31.37
CA ALA A 72 -0.94 9.08 32.21
C ALA A 72 -0.83 9.53 33.72
N LYS A 73 -0.27 10.71 33.90
CA LYS A 73 -0.13 11.24 35.27
C LYS A 73 -1.54 11.46 35.88
N GLU A 74 -2.41 12.04 35.10
CA GLU A 74 -3.73 12.43 35.58
C GLU A 74 -4.46 11.12 35.93
N LEU A 75 -4.18 10.04 35.17
CA LEU A 75 -4.77 8.69 35.46
C LEU A 75 -4.14 7.95 36.62
N GLY A 76 -3.16 8.55 37.27
CA GLY A 76 -2.52 7.93 38.45
C GLY A 76 -1.31 7.06 38.18
N LEU A 77 -0.81 7.11 36.96
CA LEU A 77 0.33 6.25 36.56
C LEU A 77 1.63 6.94 36.86
N GLU A 78 2.71 6.14 37.00
CA GLU A 78 4.06 6.63 37.20
C GLU A 78 5.00 6.00 36.15
N THR A 79 6.12 6.69 35.84
CA THR A 79 7.15 6.09 35.00
C THR A 79 8.38 5.68 35.78
N TYR A 80 9.22 4.87 35.14
CA TYR A 80 10.58 4.63 35.62
C TYR A 80 11.52 4.63 34.38
N LYS A 81 12.84 4.78 34.65
CA LYS A 81 13.82 4.92 33.57
C LYS A 81 14.29 3.51 33.15
N VAL A 82 14.32 3.32 31.84
CA VAL A 82 14.86 2.10 31.26
C VAL A 82 16.37 2.11 31.63
N ASN A 83 16.89 0.93 31.97
CA ASN A 83 18.31 0.86 32.38
C ASN A 83 19.31 1.24 31.32
N GLU A 84 20.11 2.25 31.60
CA GLU A 84 21.18 2.63 30.67
C GLU A 84 22.39 2.98 31.52
N VAL A 85 22.55 2.31 32.66
CA VAL A 85 23.71 2.64 33.54
C VAL A 85 25.03 2.20 32.91
N GLU A 86 25.02 0.95 32.42
CA GLU A 86 26.25 0.28 31.92
C GLU A 86 26.38 0.53 30.39
N ARG A 87 27.38 -0.07 29.74
CA ARG A 87 27.71 0.29 28.38
C ARG A 87 26.75 -0.35 27.38
N LEU A 88 26.56 0.36 26.26
CA LEU A 88 25.76 -0.19 25.13
C LEU A 88 26.68 -1.06 24.31
N ILE A 89 26.12 -1.88 23.42
CA ILE A 89 26.99 -2.66 22.54
C ILE A 89 26.55 -2.46 21.09
N HIS A 90 27.54 -2.23 20.23
CA HIS A 90 27.29 -2.31 18.76
C HIS A 90 27.94 -3.61 18.27
N HIS A 91 27.16 -4.53 17.73
CA HIS A 91 27.68 -5.83 17.19
C HIS A 91 27.63 -5.74 15.69
N VAL A 92 28.81 -5.84 15.07
CA VAL A 92 28.90 -5.61 13.63
C VAL A 92 30.00 -6.53 13.10
N LYS A 93 29.69 -7.21 11.98
CA LYS A 93 30.61 -8.19 11.37
C LYS A 93 31.05 -9.25 12.41
N GLY A 94 30.11 -9.70 13.21
CA GLY A 94 30.30 -10.86 14.07
C GLY A 94 31.04 -10.55 15.39
N LYS A 95 31.33 -9.27 15.67
CA LYS A 95 32.02 -8.86 16.91
C LYS A 95 31.27 -7.75 17.65
N SER A 96 31.46 -7.68 18.98
CA SER A 96 30.83 -6.66 19.81
C SER A 96 31.81 -5.58 20.25
N TYR A 97 31.35 -4.36 20.13
CA TYR A 97 32.09 -3.16 20.53
C TYR A 97 31.29 -2.31 21.52
N PRO A 98 31.75 -2.26 22.76
CA PRO A 98 31.02 -1.49 23.77
C PRO A 98 31.19 0.01 23.58
N PHE A 99 30.15 0.77 23.96
CA PHE A 99 30.20 2.23 23.78
C PHE A 99 29.20 2.94 24.67
N ARG A 100 29.33 4.27 24.67
CA ARG A 100 28.31 5.17 25.28
C ARG A 100 28.03 6.32 24.30
N GLY A 101 26.80 6.80 24.33
CA GLY A 101 26.43 7.97 23.50
C GLY A 101 25.36 7.59 22.51
N PRO A 102 24.90 8.55 21.70
CA PRO A 102 23.82 8.31 20.77
C PRO A 102 24.25 7.38 19.64
N PHE A 103 25.53 7.43 19.20
CA PHE A 103 26.01 6.53 18.12
C PHE A 103 27.37 5.91 18.53
N PRO A 104 27.63 4.67 18.05
CA PRO A 104 28.93 4.07 18.33
C PRO A 104 30.06 5.02 17.80
N PRO A 105 31.21 5.08 18.48
CA PRO A 105 32.29 6.03 18.05
C PRO A 105 32.90 5.48 16.71
N VAL A 106 33.26 6.37 15.79
CA VAL A 106 33.89 5.95 14.54
C VAL A 106 35.25 6.61 14.51
N TRP A 107 36.30 5.78 14.39
CA TRP A 107 37.72 6.27 14.50
C TRP A 107 38.36 6.62 13.17
N ASN A 108 38.04 5.84 12.15
CA ASN A 108 38.56 6.16 10.80
C ASN A 108 38.12 7.62 10.38
N PRO A 109 39.06 8.56 10.07
CA PRO A 109 38.64 9.94 9.82
C PRO A 109 37.66 10.08 8.65
N ILE A 110 37.88 9.32 7.58
CA ILE A 110 36.99 9.39 6.36
C ILE A 110 35.60 8.87 6.73
N THR A 111 35.59 7.75 7.44
CA THR A 111 34.32 7.11 7.92
C THR A 111 33.63 8.05 8.90
N TYR A 112 34.40 8.66 9.78
CA TYR A 112 33.87 9.64 10.68
C TYR A 112 33.17 10.77 9.93
N LEU A 113 33.80 11.34 8.89
CA LEU A 113 33.14 12.44 8.20
C LEU A 113 31.79 11.92 7.61
N ASP A 114 31.84 10.72 7.07
CA ASP A 114 30.69 10.20 6.29
C ASP A 114 29.50 10.02 7.32
N HIS A 115 29.81 9.42 8.48
CA HIS A 115 28.75 9.18 9.50
C HIS A 115 28.24 10.49 10.03
N ASN A 116 29.16 11.38 10.40
CA ASN A 116 28.76 12.71 10.86
C ASN A 116 27.83 13.41 9.89
N ASN A 117 28.22 13.36 8.61
CA ASN A 117 27.44 14.01 7.53
C ASN A 117 26.10 13.34 7.37
N PHE A 118 26.05 12.03 7.54
CA PHE A 118 24.77 11.35 7.29
C PHE A 118 23.66 11.85 8.27
N TRP A 119 23.95 11.79 9.59
CA TRP A 119 22.94 12.15 10.61
C TRP A 119 22.63 13.65 10.48
N ARG A 120 23.69 14.44 10.26
CA ARG A 120 23.54 15.89 10.09
C ARG A 120 22.59 16.16 8.95
N THR A 121 22.81 15.46 7.82
CA THR A 121 22.05 15.75 6.61
C THR A 121 20.57 15.26 6.79
N MET A 122 20.36 14.14 7.49
CA MET A 122 18.98 13.74 7.75
C MET A 122 18.26 14.87 8.48
N ASP A 123 18.91 15.44 9.50
CA ASP A 123 18.23 16.50 10.22
C ASP A 123 18.14 17.79 9.41
N ASP A 124 19.17 18.10 8.61
CA ASP A 124 19.09 19.29 7.75
C ASP A 124 17.86 19.20 6.80
N MET A 125 17.76 18.06 6.12
CA MET A 125 16.57 17.85 5.22
C MET A 125 15.31 17.95 6.03
N GLY A 126 15.27 17.34 7.24
CA GLY A 126 14.02 17.40 8.06
C GLY A 126 13.56 18.83 8.33
N ARG A 127 14.51 19.75 8.52
CA ARG A 127 14.12 21.16 8.76
C ARG A 127 13.46 21.83 7.59
N GLU A 128 13.55 21.25 6.38
CA GLU A 128 12.82 21.78 5.23
C GLU A 128 11.35 21.31 5.19
N ILE A 129 10.98 20.37 6.09
CA ILE A 129 9.70 19.66 5.97
C ILE A 129 8.77 20.12 7.07
N PRO A 130 7.72 20.88 6.71
CA PRO A 130 6.75 21.26 7.75
C PRO A 130 6.07 20.01 8.46
N SER A 131 6.03 19.98 9.78
CA SER A 131 5.44 18.84 10.58
C SER A 131 3.98 18.64 10.31
N ASP A 132 3.30 19.75 10.03
CA ASP A 132 1.89 19.62 9.67
C ASP A 132 1.52 19.54 8.25
N ALA A 133 2.52 19.52 7.35
CA ALA A 133 2.23 19.56 5.93
C ALA A 133 3.51 19.14 5.17
N PRO A 134 3.92 17.86 5.32
CA PRO A 134 5.22 17.49 4.68
C PRO A 134 5.26 17.61 3.16
N TRP A 135 4.11 17.49 2.50
CA TRP A 135 3.99 17.68 1.06
C TRP A 135 4.28 19.16 0.69
N LYS A 136 4.42 20.05 1.67
CA LYS A 136 4.82 21.49 1.35
C LYS A 136 6.31 21.72 1.40
N ALA A 137 7.10 20.69 1.65
CA ALA A 137 8.55 20.89 1.58
C ALA A 137 8.93 21.35 0.14
N PRO A 138 9.98 22.20 0.01
CA PRO A 138 10.30 22.75 -1.32
C PRO A 138 10.61 21.64 -2.32
N LEU A 139 11.27 20.55 -1.89
CA LEU A 139 11.61 19.45 -2.77
C LEU A 139 10.75 18.21 -2.43
N ALA A 140 9.51 18.46 -1.99
CA ALA A 140 8.64 17.30 -1.61
C ALA A 140 8.54 16.26 -2.71
N GLU A 141 8.26 16.67 -3.95
CA GLU A 141 8.12 15.65 -5.01
C GLU A 141 9.40 14.83 -5.22
N GLU A 142 10.54 15.52 -5.40
CA GLU A 142 11.80 14.85 -5.59
C GLU A 142 12.08 13.86 -4.45
N TRP A 143 11.85 14.31 -3.19
CA TRP A 143 12.18 13.42 -2.08
C TRP A 143 11.15 12.24 -1.98
N ASP A 144 9.88 12.49 -2.30
CA ASP A 144 8.85 11.43 -2.17
C ASP A 144 8.94 10.42 -3.24
N ASN A 145 9.58 10.78 -4.38
CA ASN A 145 9.66 9.83 -5.49
C ASN A 145 10.86 8.91 -5.43
N MET A 146 11.63 8.98 -4.34
CA MET A 146 12.75 8.04 -4.12
C MET A 146 12.49 7.29 -2.78
N THR A 147 13.01 6.06 -2.69
CA THR A 147 12.93 5.32 -1.42
C THR A 147 14.05 5.83 -0.47
N MET A 148 13.96 5.45 0.77
CA MET A 148 15.12 5.63 1.66
C MET A 148 16.37 4.91 1.20
N LYS A 149 16.17 3.76 0.56
CA LYS A 149 17.37 3.03 0.05
C LYS A 149 18.12 3.92 -0.94
N GLU A 150 17.35 4.58 -1.84
CA GLU A 150 18.01 5.40 -2.87
C GLU A 150 18.68 6.59 -2.23
N LEU A 151 18.08 7.10 -1.17
CA LEU A 151 18.69 8.26 -0.45
C LEU A 151 19.98 7.84 0.29
N LEU A 152 19.96 6.69 0.94
CA LEU A 152 21.22 6.19 1.58
C LEU A 152 22.29 5.95 0.52
N ASP A 153 21.91 5.38 -0.62
CA ASP A 153 22.88 5.14 -1.70
C ASP A 153 23.50 6.43 -2.10
N LYS A 154 22.72 7.51 -2.16
CA LYS A 154 23.31 8.79 -2.62
C LYS A 154 24.18 9.42 -1.54
N LEU A 155 23.78 9.31 -0.26
CA LEU A 155 24.43 10.09 0.81
C LEU A 155 25.62 9.40 1.41
N CYS A 156 25.63 8.09 1.39
CA CYS A 156 26.60 7.38 2.27
C CYS A 156 27.78 6.95 1.42
N TRP A 157 28.97 7.54 1.67
CA TRP A 157 30.12 7.17 0.84
C TRP A 157 30.87 6.03 1.49
N THR A 158 30.42 5.61 2.66
CA THR A 158 30.97 4.34 3.26
C THR A 158 29.91 3.31 3.46
N GLU A 159 30.32 2.05 3.41
CA GLU A 159 29.39 0.96 3.71
C GLU A 159 29.02 0.97 5.17
N SER A 160 29.96 1.33 6.04
CA SER A 160 29.73 1.43 7.46
C SER A 160 28.50 2.33 7.75
N ALA A 161 28.48 3.49 7.12
CA ALA A 161 27.37 4.43 7.37
C ALA A 161 26.06 3.91 6.77
N LYS A 162 26.14 3.33 5.57
CA LYS A 162 24.93 2.78 4.93
C LYS A 162 24.36 1.63 5.79
N GLN A 163 25.23 0.76 6.34
CA GLN A 163 24.70 -0.36 7.16
C GLN A 163 24.04 0.15 8.45
N LEU A 164 24.64 1.15 9.10
CA LEU A 164 24.07 1.68 10.36
C LEU A 164 22.76 2.39 10.05
N ALA A 165 22.79 3.15 8.95
CA ALA A 165 21.56 3.94 8.52
C ALA A 165 20.41 2.96 8.25
N THR A 166 20.77 1.83 7.65
CA THR A 166 19.74 0.78 7.38
C THR A 166 19.14 0.26 8.67
N LEU A 167 20.01 -0.05 9.65
CA LEU A 167 19.48 -0.54 10.93
C LEU A 167 18.54 0.56 11.55
N PHE A 168 19.00 1.79 11.47
CA PHE A 168 18.19 2.93 11.99
C PHE A 168 16.80 2.98 11.35
N VAL A 169 16.70 2.91 10.04
CA VAL A 169 15.38 2.93 9.41
C VAL A 169 14.55 1.73 9.82
N ASN A 170 15.15 0.53 9.74
CA ASN A 170 14.35 -0.67 10.07
C ASN A 170 13.81 -0.60 11.49
N LEU A 171 14.62 -0.08 12.48
CA LEU A 171 14.16 -0.07 13.87
C LEU A 171 13.09 1.07 14.08
N CYS A 172 13.25 2.21 13.36
CA CYS A 172 12.38 3.37 13.63
C CYS A 172 11.01 3.12 13.05
N VAL A 173 10.96 2.39 11.90
CA VAL A 173 9.63 2.26 11.22
C VAL A 173 9.27 0.85 10.74
N THR A 174 9.99 -0.17 11.26
CA THR A 174 9.68 -1.56 11.10
C THR A 174 9.41 -1.89 9.64
N ALA A 175 10.26 -1.33 8.80
CA ALA A 175 10.13 -1.54 7.36
C ALA A 175 11.50 -1.42 6.74
N GLU A 176 11.58 -1.89 5.50
CA GLU A 176 12.87 -1.88 4.79
C GLU A 176 13.14 -0.55 4.13
N THR A 177 14.41 -0.24 3.89
CA THR A 177 14.75 1.06 3.26
C THR A 177 14.14 1.23 1.91
N HIS A 178 14.05 0.13 1.13
CA HIS A 178 13.45 0.21 -0.20
C HIS A 178 11.92 0.18 -0.17
N GLU A 179 11.27 0.03 1.02
CA GLU A 179 9.81 -0.01 1.03
C GLU A 179 9.22 1.40 1.19
N VAL A 180 10.01 2.29 1.81
CA VAL A 180 9.46 3.59 2.33
C VAL A 180 9.94 4.80 1.53
N SER A 181 9.05 5.78 1.42
CA SER A 181 9.45 7.05 0.81
C SER A 181 10.51 7.80 1.63
N ALA A 182 11.51 8.44 0.96
CA ALA A 182 12.47 9.28 1.69
C ALA A 182 11.79 10.52 2.32
N LEU A 183 10.90 11.19 1.54
CA LEU A 183 10.18 12.32 2.16
C LEU A 183 9.47 11.89 3.41
N TRP A 184 8.73 10.77 3.35
CA TRP A 184 7.91 10.43 4.56
C TRP A 184 8.86 10.06 5.69
N PHE A 185 9.93 9.32 5.41
CA PHE A 185 10.79 8.91 6.55
C PHE A 185 11.49 10.17 7.14
N LEU A 186 11.97 11.07 6.27
CA LEU A 186 12.60 12.32 6.83
C LEU A 186 11.58 13.13 7.63
N TRP A 187 10.29 13.18 7.20
CA TRP A 187 9.25 13.85 7.98
C TRP A 187 9.14 13.12 9.33
N TYR A 188 9.06 11.79 9.27
CA TYR A 188 8.76 10.99 10.48
C TYR A 188 9.84 11.22 11.57
N VAL A 189 11.13 11.22 11.18
CA VAL A 189 12.18 11.50 12.14
C VAL A 189 12.13 12.97 12.63
N LYS A 190 11.92 13.92 11.72
CA LYS A 190 11.95 15.36 12.20
C LYS A 190 10.78 15.63 13.20
N GLN A 191 9.64 15.00 12.92
CA GLN A 191 8.40 15.24 13.76
C GLN A 191 8.52 14.49 15.10
N CYS A 192 9.56 13.67 15.25
CA CYS A 192 9.97 13.14 16.58
C CYS A 192 11.11 13.93 17.21
N GLY A 193 11.51 15.07 16.66
CA GLY A 193 12.61 15.81 17.29
C GLY A 193 13.98 15.61 16.71
N GLY A 194 14.09 14.78 15.62
CA GLY A 194 15.39 14.55 14.97
C GLY A 194 16.04 13.20 15.31
N THR A 195 17.21 13.02 14.73
CA THR A 195 17.82 11.68 14.77
C THR A 195 18.24 11.32 16.17
N THR A 196 18.89 12.22 16.88
CA THR A 196 19.27 11.87 18.28
C THR A 196 18.08 11.58 19.13
N ARG A 197 17.09 12.46 19.06
CA ARG A 197 15.96 12.31 19.99
C ARG A 197 15.22 11.01 19.70
N ILE A 198 15.05 10.65 18.44
CA ILE A 198 14.25 9.44 18.18
C ILE A 198 14.94 8.14 18.63
N ILE A 199 16.25 8.14 18.54
CA ILE A 199 17.00 6.91 18.72
C ILE A 199 17.47 6.74 20.14
N SER A 200 17.48 7.83 20.89
CA SER A 200 18.08 7.77 22.26
C SER A 200 17.21 7.12 23.30
N THR A 201 17.88 6.52 24.32
CA THR A 201 17.19 6.06 25.52
C THR A 201 17.23 7.24 26.50
N THR A 202 18.38 7.50 27.11
CA THR A 202 18.47 8.73 27.94
C THR A 202 18.29 9.96 27.01
N ASN A 203 17.37 10.86 27.43
CA ASN A 203 16.99 12.08 26.73
C ASN A 203 16.27 11.79 25.39
N GLY A 204 15.77 10.57 25.21
CA GLY A 204 15.07 10.30 23.95
C GLY A 204 13.77 9.49 24.13
N GLY A 205 13.28 9.00 22.96
CA GLY A 205 11.96 8.31 22.91
C GLY A 205 11.93 7.10 23.83
N GLN A 206 13.10 6.46 24.14
CA GLN A 206 12.97 5.18 24.87
C GLN A 206 13.40 5.36 26.34
N GLU A 207 13.28 6.59 26.88
CA GLU A 207 13.88 6.75 28.20
C GLU A 207 13.13 6.03 29.32
N ARG A 208 11.83 5.95 29.20
CA ARG A 208 10.99 5.45 30.32
C ARG A 208 9.93 4.45 29.92
N LYS A 209 9.37 3.71 30.87
CA LYS A 209 8.20 2.89 30.71
C LYS A 209 7.25 3.25 31.91
N PHE A 210 5.97 2.87 31.76
CA PHE A 210 5.03 3.02 32.89
C PHE A 210 5.15 1.86 33.82
N VAL A 211 5.18 2.20 35.11
CA VAL A 211 5.06 1.13 36.07
C VAL A 211 3.74 0.39 35.97
N GLY A 212 3.76 -0.92 35.69
CA GLY A 212 2.56 -1.71 35.55
C GLY A 212 2.07 -1.83 34.12
N GLY A 213 2.71 -1.10 33.19
CA GLY A 213 2.38 -1.31 31.77
C GLY A 213 1.53 -0.18 31.14
N SER A 214 1.73 0.05 29.84
CA SER A 214 1.03 1.13 29.19
C SER A 214 -0.44 0.82 28.94
N GLY A 215 -0.83 -0.44 28.96
CA GLY A 215 -2.24 -0.80 28.73
C GLY A 215 -3.14 -0.12 29.77
N GLN A 216 -2.57 0.21 30.94
CA GLN A 216 -3.34 0.91 31.94
C GLN A 216 -3.87 2.26 31.49
N VAL A 217 -3.20 2.91 30.54
CA VAL A 217 -3.78 4.19 30.09
C VAL A 217 -5.19 3.94 29.56
N SER A 218 -5.31 3.03 28.58
CA SER A 218 -6.62 2.83 27.98
C SER A 218 -7.58 2.19 28.99
N GLU A 219 -7.04 1.33 29.86
CA GLU A 219 -7.91 0.57 30.81
C GLU A 219 -8.48 1.59 31.82
N ARG A 220 -7.64 2.51 32.32
CA ARG A 220 -8.14 3.46 33.31
C ARG A 220 -9.13 4.45 32.68
N ILE A 221 -8.96 4.86 31.42
CA ILE A 221 -10.03 5.66 30.84
C ILE A 221 -11.29 4.84 30.66
N MET A 222 -11.19 3.57 30.19
CA MET A 222 -12.40 2.73 30.18
C MET A 222 -13.14 2.71 31.56
N ASP A 223 -12.36 2.66 32.63
CA ASP A 223 -12.95 2.67 34.00
C ASP A 223 -13.74 3.96 34.20
N LEU A 224 -13.16 5.11 33.83
CA LEU A 224 -13.82 6.41 33.99
C LEU A 224 -15.11 6.46 33.12
N LEU A 225 -15.14 5.76 32.00
CA LEU A 225 -16.26 5.95 31.07
C LEU A 225 -17.39 4.96 31.38
N GLY A 226 -17.13 3.97 32.25
CA GLY A 226 -18.14 2.89 32.52
C GLY A 226 -18.63 2.14 31.30
N ASP A 227 -19.96 2.02 31.19
CA ASP A 227 -20.47 1.16 30.17
C ASP A 227 -20.53 1.88 28.79
N ARG A 228 -19.94 3.07 28.64
CA ARG A 228 -19.93 3.76 27.36
C ARG A 228 -18.94 3.07 26.38
N VAL A 229 -18.03 2.26 26.91
CA VAL A 229 -17.15 1.48 26.02
C VAL A 229 -17.77 0.10 25.75
N LYS A 230 -18.02 -0.19 24.48
CA LYS A 230 -18.65 -1.41 24.02
C LYS A 230 -17.56 -2.28 23.38
N LEU A 231 -17.17 -3.35 24.05
CA LEU A 231 -16.17 -4.23 23.50
C LEU A 231 -16.80 -5.29 22.60
N GLU A 232 -15.99 -5.88 21.71
CA GLU A 232 -16.44 -6.80 20.63
C GLU A 232 -17.56 -6.17 19.80
N ARG A 233 -17.39 -4.88 19.47
CA ARG A 233 -18.24 -4.14 18.55
C ARG A 233 -17.38 -3.66 17.33
N PRO A 234 -16.97 -4.60 16.44
CA PRO A 234 -16.23 -4.06 15.26
C PRO A 234 -17.26 -3.30 14.38
N VAL A 235 -16.85 -2.11 13.93
CA VAL A 235 -17.70 -1.29 13.11
C VAL A 235 -17.58 -1.79 11.66
N ILE A 236 -18.75 -2.00 11.03
CA ILE A 236 -18.81 -2.47 9.68
C ILE A 236 -19.37 -1.47 8.67
N TYR A 237 -20.08 -0.40 9.14
CA TYR A 237 -20.83 0.40 8.21
C TYR A 237 -21.11 1.75 8.83
N ILE A 238 -20.93 2.82 8.02
CA ILE A 238 -21.24 4.19 8.51
C ILE A 238 -22.04 4.84 7.43
N ASP A 239 -23.21 5.41 7.82
CA ASP A 239 -24.15 5.95 6.84
C ASP A 239 -24.38 7.38 7.28
N GLN A 240 -23.98 8.33 6.42
CA GLN A 240 -24.14 9.76 6.68
C GLN A 240 -25.23 10.38 5.79
N THR A 241 -26.11 9.55 5.23
CA THR A 241 -27.11 10.10 4.26
C THR A 241 -28.24 10.80 4.96
N ARG A 242 -28.42 10.54 6.25
CA ARG A 242 -29.56 11.17 7.00
C ARG A 242 -29.11 12.17 8.02
N GLU A 243 -30.08 12.72 8.72
CA GLU A 243 -29.80 13.75 9.72
C GLU A 243 -28.75 13.40 10.78
N ASN A 244 -28.89 12.22 11.38
CA ASN A 244 -27.90 11.75 12.35
C ASN A 244 -27.10 10.67 11.65
N VAL A 245 -25.84 10.56 12.04
CA VAL A 245 -25.00 9.48 11.48
C VAL A 245 -25.38 8.12 12.08
N LEU A 246 -25.38 7.04 11.28
CA LEU A 246 -25.71 5.72 11.75
C LEU A 246 -24.43 4.88 11.68
N VAL A 247 -24.08 4.25 12.81
CA VAL A 247 -22.87 3.40 12.81
C VAL A 247 -23.31 2.00 13.17
N GLU A 248 -23.03 1.02 12.32
CA GLU A 248 -23.40 -0.36 12.56
C GLU A 248 -22.19 -1.21 12.90
N THR A 249 -22.44 -2.17 13.79
CA THR A 249 -21.38 -3.12 14.23
C THR A 249 -21.64 -4.54 13.70
N LEU A 250 -20.60 -5.36 13.73
CA LEU A 250 -20.66 -6.71 13.24
C LEU A 250 -21.67 -7.55 14.03
N ASN A 251 -21.81 -7.26 15.32
CA ASN A 251 -22.67 -8.14 16.18
C ASN A 251 -24.04 -7.57 16.14
N HIS A 252 -24.36 -6.84 15.06
CA HIS A 252 -25.72 -6.54 14.82
C HIS A 252 -26.32 -5.45 15.74
N GLU A 253 -25.58 -4.37 16.04
CA GLU A 253 -26.13 -3.25 16.77
C GLU A 253 -26.03 -1.98 15.95
N MET A 254 -26.87 -1.01 16.27
CA MET A 254 -26.87 0.27 15.54
CA MET A 254 -26.98 0.27 15.54
C MET A 254 -26.72 1.42 16.47
N TYR A 255 -25.78 2.28 16.14
CA TYR A 255 -25.58 3.45 16.99
C TYR A 255 -25.91 4.69 16.19
N GLU A 256 -26.51 5.70 16.82
CA GLU A 256 -26.84 6.93 16.11
C GLU A 256 -26.17 8.12 16.80
N ALA A 257 -25.52 8.99 16.04
CA ALA A 257 -24.75 10.05 16.61
C ALA A 257 -24.76 11.31 15.80
N LYS A 258 -24.35 12.41 16.39
CA LYS A 258 -24.23 13.66 15.68
C LYS A 258 -22.93 13.64 14.84
N TYR A 259 -21.85 13.05 15.41
CA TYR A 259 -20.53 13.05 14.71
C TYR A 259 -19.84 11.72 15.02
N VAL A 260 -18.82 11.40 14.23
CA VAL A 260 -18.06 10.14 14.51
C VAL A 260 -16.57 10.55 14.50
N ILE A 261 -15.79 9.95 15.39
CA ILE A 261 -14.32 10.02 15.25
C ILE A 261 -13.85 8.60 14.88
N SER A 262 -13.07 8.56 13.78
CA SER A 262 -12.40 7.31 13.37
C SER A 262 -11.02 7.30 14.04
N ALA A 263 -10.79 6.40 15.00
CA ALA A 263 -9.54 6.41 15.76
C ALA A 263 -8.78 5.08 15.49
N ILE A 264 -8.91 4.57 14.27
CA ILE A 264 -8.30 3.25 13.85
C ILE A 264 -7.17 3.59 12.87
N PRO A 265 -6.21 2.65 12.66
CA PRO A 265 -5.13 2.90 11.62
C PRO A 265 -5.77 3.25 10.28
N PRO A 266 -5.17 4.18 9.52
CA PRO A 266 -5.89 4.61 8.30
C PRO A 266 -6.35 3.50 7.40
N THR A 267 -5.47 2.51 7.10
CA THR A 267 -5.93 1.47 6.13
C THR A 267 -7.08 0.62 6.70
N LEU A 268 -7.18 0.50 8.05
CA LEU A 268 -8.29 -0.29 8.64
C LEU A 268 -9.65 0.36 8.38
N GLY A 269 -9.66 1.64 7.91
CA GLY A 269 -10.89 2.29 7.36
C GLY A 269 -11.50 1.39 6.25
N MET A 270 -10.69 0.55 5.61
CA MET A 270 -11.18 -0.32 4.54
CA MET A 270 -11.23 -0.28 4.54
C MET A 270 -12.21 -1.34 5.09
N LYS A 271 -12.15 -1.63 6.40
CA LYS A 271 -13.04 -2.68 7.00
C LYS A 271 -14.45 -2.10 7.19
N ILE A 272 -14.62 -0.83 6.85
CA ILE A 272 -15.94 -0.16 7.04
C ILE A 272 -16.49 0.15 5.65
N HIS A 273 -17.78 -0.20 5.42
CA HIS A 273 -18.43 0.12 4.15
C HIS A 273 -19.16 1.47 4.38
N PHE A 274 -18.95 2.43 3.46
CA PHE A 274 -19.37 3.82 3.66
C PHE A 274 -20.54 4.17 2.74
N ASN A 275 -21.52 4.88 3.32
CA ASN A 275 -22.63 5.40 2.53
C ASN A 275 -22.77 6.85 2.95
N PRO A 276 -22.63 7.80 2.00
CA PRO A 276 -22.28 7.54 0.62
C PRO A 276 -20.80 7.11 0.58
N PRO A 277 -20.31 6.76 -0.61
CA PRO A 277 -18.91 6.26 -0.69
C PRO A 277 -17.97 7.42 -0.25
N LEU A 278 -16.78 7.08 0.27
CA LEU A 278 -15.78 8.10 0.57
C LEU A 278 -15.42 8.91 -0.70
N PRO A 279 -14.98 10.17 -0.54
CA PRO A 279 -14.47 10.90 -1.69
C PRO A 279 -13.27 10.13 -2.30
N MET A 280 -13.00 10.36 -3.59
CA MET A 280 -11.96 9.61 -4.37
C MET A 280 -10.61 9.54 -3.65
N MET A 281 -10.13 10.69 -3.12
CA MET A 281 -8.75 10.67 -2.60
C MET A 281 -8.69 9.82 -1.33
N ARG A 282 -9.63 9.95 -0.39
CA ARG A 282 -9.59 9.01 0.79
C ARG A 282 -9.84 7.54 0.37
N ASN A 283 -10.79 7.28 -0.55
CA ASN A 283 -11.00 5.90 -1.02
C ASN A 283 -9.71 5.19 -1.47
N GLN A 284 -8.91 5.93 -2.26
CA GLN A 284 -7.62 5.34 -2.69
C GLN A 284 -6.57 5.44 -1.62
N MET A 285 -6.51 6.52 -0.84
CA MET A 285 -5.49 6.63 0.21
CA MET A 285 -5.47 6.60 0.18
C MET A 285 -5.43 5.40 1.12
N ILE A 286 -6.61 4.95 1.61
CA ILE A 286 -6.68 3.87 2.61
C ILE A 286 -6.22 2.50 2.06
N THR A 287 -5.93 2.40 0.73
CA THR A 287 -5.35 1.16 0.05
C THR A 287 -3.85 1.31 -0.15
N ARG A 288 -3.28 2.47 0.26
CA ARG A 288 -1.92 2.85 -0.10
C ARG A 288 -0.96 2.96 1.13
N VAL A 289 -1.47 2.66 2.32
CA VAL A 289 -0.78 3.06 3.59
C VAL A 289 -0.67 1.82 4.55
N PRO A 290 0.25 0.92 4.21
CA PRO A 290 0.39 -0.30 5.09
C PRO A 290 1.05 0.06 6.41
N LEU A 291 0.93 -0.87 7.39
CA LEU A 291 1.74 -0.78 8.66
C LEU A 291 2.95 -1.70 8.55
N GLY A 292 3.93 -1.38 9.36
CA GLY A 292 5.17 -2.17 9.34
C GLY A 292 5.04 -3.51 10.06
N SER A 293 6.19 -4.18 10.18
CA SER A 293 6.15 -5.63 10.57
C SER A 293 7.12 -5.82 11.69
N VAL A 294 6.66 -6.41 12.81
CA VAL A 294 7.56 -6.60 13.95
C VAL A 294 7.06 -7.70 14.83
N ILE A 295 8.01 -8.46 15.44
CA ILE A 295 7.68 -9.40 16.55
C ILE A 295 8.42 -8.83 17.74
N LYS A 296 7.69 -8.51 18.81
CA LYS A 296 8.31 -8.04 20.05
C LYS A 296 8.56 -9.24 20.97
N CYS A 297 9.82 -9.47 21.38
CA CYS A 297 10.12 -10.75 22.08
C CYS A 297 10.82 -10.43 23.39
N ILE A 298 10.40 -11.10 24.45
CA ILE A 298 11.05 -10.71 25.79
C ILE A 298 11.54 -12.06 26.40
N VAL A 299 12.87 -12.19 26.58
CA VAL A 299 13.47 -13.40 27.16
C VAL A 299 13.87 -13.06 28.56
N TYR A 300 13.37 -13.93 29.44
CA TYR A 300 13.52 -13.72 30.95
C TYR A 300 14.68 -14.57 31.44
N TYR A 301 15.39 -14.03 32.45
CA TYR A 301 16.52 -14.75 33.04
C TYR A 301 16.45 -14.66 34.57
N LYS A 302 17.22 -15.53 35.22
CA LYS A 302 17.24 -15.49 36.73
C LYS A 302 17.76 -14.17 37.27
N GLU A 303 18.74 -13.54 36.59
CA GLU A 303 19.38 -12.30 36.99
C GLU A 303 19.68 -11.46 35.76
N PRO A 304 19.84 -10.12 35.94
CA PRO A 304 20.27 -9.27 34.82
C PRO A 304 21.81 -9.36 34.75
N PHE A 305 22.24 -10.55 34.31
CA PHE A 305 23.67 -10.97 34.31
C PHE A 305 24.55 -10.04 33.48
N TRP A 306 23.97 -9.44 32.46
CA TRP A 306 24.76 -8.57 31.54
C TRP A 306 25.28 -7.38 32.30
N ARG A 307 24.56 -6.94 33.34
CA ARG A 307 25.03 -5.76 34.12
C ARG A 307 26.39 -6.02 34.84
N LYS A 308 26.59 -7.28 35.22
CA LYS A 308 27.88 -7.67 35.85
C LYS A 308 29.08 -7.58 34.91
N LYS A 309 28.83 -7.61 33.59
CA LYS A 309 29.88 -7.45 32.58
C LYS A 309 29.92 -6.00 32.13
N ASP A 310 29.18 -5.13 32.81
CA ASP A 310 29.15 -3.72 32.47
C ASP A 310 28.52 -3.51 31.09
N TYR A 311 27.46 -4.27 30.86
CA TYR A 311 26.59 -4.00 29.72
C TYR A 311 25.22 -3.65 30.20
N CYS A 312 24.63 -2.61 29.63
CA CYS A 312 23.27 -2.30 30.12
C CYS A 312 22.13 -3.10 29.52
N GLY A 313 22.44 -3.90 28.49
CA GLY A 313 21.39 -4.73 27.87
C GLY A 313 20.96 -4.16 26.51
N THR A 314 21.41 -2.96 26.17
CA THR A 314 21.13 -2.34 24.85
C THR A 314 22.13 -2.86 23.82
N MET A 315 21.64 -3.47 22.75
CA MET A 315 22.49 -4.09 21.73
C MET A 315 21.96 -3.63 20.37
N ILE A 316 22.87 -3.08 19.56
CA ILE A 316 22.55 -2.72 18.20
C ILE A 316 23.26 -3.81 17.36
N ILE A 317 22.48 -4.65 16.71
CA ILE A 317 23.05 -5.88 16.15
C ILE A 317 22.83 -5.94 14.66
N ASP A 318 23.94 -5.77 13.91
CA ASP A 318 23.94 -5.80 12.48
C ASP A 318 24.12 -7.25 11.95
N GLY A 319 23.65 -7.41 10.74
CA GLY A 319 23.89 -8.67 10.01
C GLY A 319 22.63 -9.37 9.67
N GLU A 320 22.60 -9.96 8.50
CA GLU A 320 21.35 -10.69 8.13
C GLU A 320 21.05 -11.89 9.04
N GLU A 321 22.07 -12.53 9.62
CA GLU A 321 21.70 -13.78 10.32
C GLU A 321 21.16 -13.52 11.69
N ALA A 322 21.35 -12.32 12.25
CA ALA A 322 20.80 -12.06 13.53
C ALA A 322 19.25 -11.91 13.39
N PRO A 323 18.46 -12.65 14.18
CA PRO A 323 17.00 -12.52 14.08
C PRO A 323 16.58 -11.17 14.67
N VAL A 324 17.26 -10.68 15.72
CA VAL A 324 16.90 -9.40 16.39
C VAL A 324 17.99 -8.40 16.16
N ALA A 325 17.62 -7.17 15.76
CA ALA A 325 18.60 -6.16 15.41
C ALA A 325 18.74 -5.11 16.57
N TYR A 326 17.82 -5.13 17.52
CA TYR A 326 17.87 -4.12 18.60
C TYR A 326 17.27 -4.71 19.88
N THR A 327 17.98 -4.46 21.01
CA THR A 327 17.43 -4.88 22.30
C THR A 327 17.54 -3.76 23.35
N LEU A 328 16.71 -3.86 24.40
CA LEU A 328 16.82 -3.05 25.63
C LEU A 328 16.62 -3.94 26.83
N ASP A 329 17.20 -3.54 27.97
CA ASP A 329 16.97 -4.24 29.21
C ASP A 329 15.50 -4.01 29.60
N ASP A 330 14.78 -5.08 29.89
CA ASP A 330 13.34 -4.91 30.29
C ASP A 330 13.12 -5.42 31.74
N THR A 331 14.19 -5.53 32.54
CA THR A 331 14.06 -5.88 33.97
C THR A 331 13.21 -4.85 34.73
N LYS A 332 12.46 -5.34 35.73
CA LYS A 332 11.57 -4.43 36.46
C LYS A 332 12.42 -3.43 37.22
N PRO A 333 11.82 -2.27 37.63
CA PRO A 333 12.63 -1.23 38.26
C PRO A 333 13.17 -1.74 39.60
N GLU A 334 12.50 -2.74 40.20
CA GLU A 334 12.91 -3.34 41.51
C GLU A 334 14.12 -4.27 41.35
N GLY A 335 14.43 -4.64 40.10
CA GLY A 335 15.67 -5.37 39.79
C GLY A 335 15.36 -6.82 39.56
N ASN A 336 14.08 -7.20 39.68
CA ASN A 336 13.68 -8.59 39.49
C ASN A 336 12.98 -8.78 38.10
N TYR A 337 12.58 -10.02 37.80
CA TYR A 337 12.01 -10.45 36.47
C TYR A 337 13.02 -9.95 35.41
N ALA A 338 14.30 -10.24 35.64
CA ALA A 338 15.31 -9.81 34.67
C ALA A 338 14.92 -10.26 33.28
N ALA A 339 15.18 -9.44 32.23
CA ALA A 339 14.65 -9.73 30.89
C ALA A 339 15.32 -8.82 29.89
N ILE A 340 15.49 -9.36 28.68
CA ILE A 340 15.92 -8.63 27.50
CA ILE A 340 15.90 -8.59 27.52
C ILE A 340 14.75 -8.53 26.53
N MET A 341 14.38 -7.30 26.14
CA MET A 341 13.39 -7.06 25.10
C MET A 341 14.15 -6.94 23.75
N GLY A 342 13.69 -7.65 22.74
CA GLY A 342 14.34 -7.54 21.38
C GLY A 342 13.24 -7.45 20.32
N PHE A 343 13.51 -6.77 19.20
CA PHE A 343 12.58 -6.69 18.13
C PHE A 343 13.10 -7.54 16.94
N ILE A 344 12.17 -8.32 16.39
CA ILE A 344 12.44 -8.94 15.11
C ILE A 344 11.79 -8.07 14.04
N LEU A 345 12.60 -7.51 13.12
CA LEU A 345 12.10 -6.30 12.38
C LEU A 345 11.83 -6.64 10.88
N ALA A 346 10.74 -6.08 10.36
CA ALA A 346 10.60 -5.97 8.84
C ALA A 346 10.69 -7.31 8.19
N HIS A 347 11.52 -7.49 7.16
CA HIS A 347 11.43 -8.84 6.48
C HIS A 347 11.67 -10.02 7.47
N LYS A 348 12.45 -9.81 8.52
CA LYS A 348 12.69 -10.93 9.47
C LYS A 348 11.45 -11.35 10.23
N ALA A 349 10.51 -10.41 10.44
CA ALA A 349 9.30 -10.75 11.11
C ALA A 349 8.55 -11.71 10.20
N ARG A 350 8.56 -11.47 8.87
CA ARG A 350 7.85 -12.40 7.96
C ARG A 350 8.61 -13.71 7.88
N LYS A 351 9.95 -13.64 7.77
CA LYS A 351 10.80 -14.82 7.55
C LYS A 351 10.75 -15.78 8.77
N LEU A 352 10.84 -15.25 10.00
CA LEU A 352 10.93 -16.07 11.18
C LEU A 352 9.56 -16.40 11.85
N ALA A 353 8.49 -15.86 11.31
CA ALA A 353 7.13 -16.15 11.81
C ALA A 353 6.80 -17.64 11.55
N ARG A 354 7.48 -18.26 10.59
CA ARG A 354 7.34 -19.70 10.23
C ARG A 354 7.77 -20.67 11.35
N LEU A 355 8.73 -20.22 12.16
CA LEU A 355 9.23 -21.02 13.31
C LEU A 355 8.25 -21.18 14.46
N THR A 356 8.48 -22.13 15.36
CA THR A 356 7.69 -22.14 16.58
C THR A 356 8.24 -21.10 17.57
N LYS A 357 7.45 -20.84 18.62
CA LYS A 357 7.88 -19.97 19.71
C LYS A 357 9.18 -20.49 20.34
N GLU A 358 9.26 -21.83 20.57
CA GLU A 358 10.49 -22.41 21.13
C GLU A 358 11.66 -22.24 20.18
N GLU A 359 11.47 -22.41 18.87
CA GLU A 359 12.58 -22.18 17.95
C GLU A 359 13.07 -20.74 17.96
N ARG A 360 12.14 -19.79 18.03
CA ARG A 360 12.57 -18.38 18.06
C ARG A 360 13.27 -18.10 19.38
N LEU A 361 12.76 -18.64 20.48
CA LEU A 361 13.51 -18.45 21.78
C LEU A 361 14.98 -18.95 21.66
N LYS A 362 15.18 -20.11 21.01
CA LYS A 362 16.52 -20.69 20.85
C LYS A 362 17.41 -19.78 20.06
N LYS A 363 16.89 -19.26 18.94
CA LYS A 363 17.75 -18.43 18.10
C LYS A 363 18.08 -17.16 18.86
N LEU A 364 17.11 -16.61 19.60
CA LEU A 364 17.39 -15.33 20.28
C LEU A 364 18.44 -15.56 21.38
N CYS A 365 18.33 -16.69 22.10
CA CYS A 365 19.37 -16.90 23.20
C CYS A 365 20.74 -17.14 22.63
N GLU A 366 20.79 -17.86 21.51
CA GLU A 366 22.11 -18.13 20.83
C GLU A 366 22.75 -16.82 20.39
N LEU A 367 21.89 -15.92 19.87
CA LEU A 367 22.38 -14.60 19.45
C LEU A 367 22.89 -13.77 20.63
N TYR A 368 22.08 -13.70 21.68
CA TYR A 368 22.46 -12.87 22.84
C TYR A 368 23.69 -13.45 23.51
N ALA A 369 23.82 -14.78 23.55
CA ALA A 369 25.05 -15.34 24.15
C ALA A 369 26.25 -14.90 23.39
N LYS A 370 26.17 -14.91 22.07
CA LYS A 370 27.35 -14.42 21.26
C LYS A 370 27.58 -12.90 21.43
N VAL A 371 26.49 -12.09 21.39
CA VAL A 371 26.72 -10.67 21.47
C VAL A 371 27.27 -10.23 22.79
N LEU A 372 26.73 -10.84 23.86
CA LEU A 372 27.14 -10.48 25.26
C LEU A 372 28.35 -11.31 25.74
N GLY A 373 28.82 -12.22 24.88
CA GLY A 373 29.95 -13.16 25.19
C GLY A 373 29.64 -13.89 26.51
N SER A 374 28.40 -14.33 26.63
CA SER A 374 27.88 -14.88 27.89
C SER A 374 27.09 -16.15 27.73
N LEU A 375 27.67 -17.28 28.20
CA LEU A 375 26.90 -18.53 28.17
C LEU A 375 25.59 -18.45 28.98
N GLU A 376 25.53 -17.59 29.98
CA GLU A 376 24.32 -17.47 30.82
CA GLU A 376 24.32 -17.47 30.81
C GLU A 376 23.09 -17.11 29.97
N ALA A 377 23.30 -16.47 28.82
CA ALA A 377 22.15 -16.14 27.92
C ALA A 377 21.47 -17.33 27.35
N LEU A 378 22.12 -18.51 27.44
CA LEU A 378 21.49 -19.78 26.92
C LEU A 378 20.64 -20.41 28.01
N GLU A 379 20.46 -19.68 29.13
CA GLU A 379 19.65 -20.22 30.25
C GLU A 379 18.39 -19.40 30.59
N PRO A 380 17.48 -19.23 29.61
CA PRO A 380 16.25 -18.44 29.89
C PRO A 380 15.38 -19.14 30.89
N VAL A 381 14.58 -18.39 31.64
CA VAL A 381 13.61 -18.99 32.60
C VAL A 381 12.17 -18.82 32.09
N HIS A 382 11.99 -17.98 31.06
CA HIS A 382 10.64 -17.76 30.55
C HIS A 382 10.75 -16.89 29.28
N TYR A 383 9.65 -16.90 28.51
CA TYR A 383 9.71 -16.17 27.21
C TYR A 383 8.30 -15.71 26.93
N GLU A 384 8.15 -14.46 26.44
CA GLU A 384 6.86 -14.01 25.90
C GLU A 384 7.13 -13.31 24.55
N GLU A 385 6.16 -13.37 23.62
CA GLU A 385 6.38 -12.64 22.36
C GLU A 385 5.04 -12.24 21.75
N LYS A 386 5.05 -11.32 20.81
CA LYS A 386 3.81 -11.07 20.07
C LYS A 386 4.22 -10.60 18.66
N ASN A 387 3.69 -11.33 17.66
CA ASN A 387 3.89 -10.93 16.24
C ASN A 387 2.69 -10.04 15.84
N TRP A 388 2.93 -8.72 15.81
CA TRP A 388 1.82 -7.78 15.50
C TRP A 388 1.37 -7.88 13.99
N CYS A 389 2.09 -8.60 13.13
CA CYS A 389 1.67 -8.77 11.70
C CYS A 389 0.41 -9.60 11.63
N GLU A 390 0.09 -10.36 12.71
CA GLU A 390 -1.08 -11.23 12.63
C GLU A 390 -2.38 -10.58 13.05
N GLU A 391 -2.31 -9.33 13.47
CA GLU A 391 -3.51 -8.70 14.07
C GLU A 391 -4.44 -8.10 13.01
N GLN A 392 -5.68 -8.64 12.95
CA GLN A 392 -6.69 -8.17 12.01
C GLN A 392 -7.02 -6.69 12.33
N TYR A 393 -7.08 -6.36 13.63
CA TYR A 393 -7.51 -5.03 14.04
C TYR A 393 -6.39 -4.04 14.37
N SER A 394 -5.16 -4.41 13.96
CA SER A 394 -4.04 -3.45 13.93
C SER A 394 -3.47 -3.31 12.51
N GLY A 395 -3.21 -4.44 11.86
CA GLY A 395 -2.55 -4.45 10.50
C GLY A 395 -1.02 -4.56 10.57
N GLY A 396 -0.44 -4.37 11.76
CA GLY A 396 1.03 -4.36 11.92
C GLY A 396 1.40 -3.43 13.08
N CYS A 397 2.68 -3.17 13.23
CA CYS A 397 3.21 -2.21 14.23
C CYS A 397 4.60 -1.77 13.74
N TYR A 398 5.14 -0.63 14.28
CA TYR A 398 4.42 0.25 15.21
C TYR A 398 3.32 1.04 14.58
N THR A 399 3.54 1.40 13.30
CA THR A 399 2.67 2.40 12.67
C THR A 399 2.65 2.24 11.17
N THR A 400 1.94 3.16 10.53
CA THR A 400 1.73 3.19 9.11
C THR A 400 2.92 3.85 8.42
N TYR A 401 3.43 3.18 7.38
CA TYR A 401 4.40 3.81 6.52
C TYR A 401 3.90 4.19 5.15
N PHE A 402 4.59 5.17 4.53
CA PHE A 402 4.14 5.58 3.18
C PHE A 402 5.20 5.17 2.16
N PRO A 403 4.80 4.36 1.16
CA PRO A 403 5.72 3.97 0.07
C PRO A 403 5.95 5.19 -0.83
N PRO A 404 6.89 5.07 -1.78
CA PRO A 404 7.21 6.24 -2.59
C PRO A 404 5.97 6.80 -3.30
N GLY A 405 5.90 8.13 -3.34
CA GLY A 405 4.91 8.81 -4.15
C GLY A 405 3.56 9.02 -3.47
N ILE A 406 3.36 8.43 -2.27
CA ILE A 406 1.99 8.47 -1.70
C ILE A 406 1.74 9.71 -0.81
N LEU A 407 2.74 10.09 -0.03
CA LEU A 407 2.53 11.20 0.90
C LEU A 407 2.25 12.51 0.17
N THR A 408 2.92 12.74 -0.96
CA THR A 408 2.64 14.01 -1.66
C THR A 408 1.24 13.96 -2.35
N GLN A 409 0.86 12.78 -2.86
CA GLN A 409 -0.38 12.70 -3.65
C GLN A 409 -1.62 12.61 -2.76
N TYR A 410 -1.49 11.96 -1.61
CA TYR A 410 -2.66 11.60 -0.77
C TYR A 410 -2.51 12.10 0.66
N GLY A 411 -1.33 12.57 1.05
CA GLY A 411 -1.12 12.97 2.48
C GLY A 411 -2.09 14.07 2.96
N ARG A 412 -2.48 14.96 2.07
CA ARG A 412 -3.38 16.11 2.46
C ARG A 412 -4.71 15.53 3.03
N VAL A 413 -5.10 14.31 2.67
CA VAL A 413 -6.43 13.97 3.16
C VAL A 413 -6.44 13.11 4.40
N LEU A 414 -5.26 12.81 5.01
CA LEU A 414 -5.22 11.88 6.08
C LEU A 414 -6.11 12.31 7.26
N ARG A 415 -6.14 13.64 7.56
CA ARG A 415 -6.99 14.05 8.64
C ARG A 415 -8.12 15.03 8.24
N GLN A 416 -8.32 15.07 6.94
CA GLN A 416 -9.43 15.89 6.38
C GLN A 416 -10.81 15.27 6.75
N PRO A 417 -11.71 16.02 7.45
CA PRO A 417 -13.03 15.42 7.78
C PRO A 417 -13.78 15.00 6.58
N VAL A 418 -14.57 13.95 6.75
CA VAL A 418 -15.47 13.52 5.71
C VAL A 418 -16.90 13.71 6.24
N ASP A 419 -17.48 14.88 5.88
CA ASP A 419 -18.83 15.28 6.38
C ASP A 419 -18.81 15.40 7.91
N ARG A 420 -19.35 14.40 8.63
CA ARG A 420 -19.34 14.45 10.10
C ARG A 420 -18.42 13.41 10.72
N ILE A 421 -17.52 12.83 9.88
CA ILE A 421 -16.50 11.94 10.41
C ILE A 421 -15.19 12.68 10.54
N TYR A 422 -14.60 12.63 11.74
CA TYR A 422 -13.34 13.33 11.98
C TYR A 422 -12.31 12.21 12.23
N PHE A 423 -11.02 12.50 11.99
CA PHE A 423 -10.00 11.42 12.07
C PHE A 423 -8.98 11.60 13.17
N ALA A 424 -8.99 10.68 14.13
CA ALA A 424 -7.95 10.64 15.19
C ALA A 424 -6.94 9.55 14.76
N GLY A 425 -6.28 8.97 15.76
CA GLY A 425 -5.28 7.90 15.53
C GLY A 425 -3.89 8.47 15.37
N THR A 426 -2.89 7.72 15.85
CA THR A 426 -1.59 8.31 15.93
C THR A 426 -1.06 8.82 14.60
N GLU A 427 -1.45 8.15 13.53
CA GLU A 427 -0.98 8.49 12.16
C GLU A 427 -1.28 9.90 11.74
N THR A 428 -2.28 10.53 12.38
CA THR A 428 -2.74 11.90 12.01
C THR A 428 -2.13 12.92 12.92
N ALA A 429 -1.28 12.48 13.85
CA ALA A 429 -0.51 13.48 14.62
C ALA A 429 0.57 14.25 13.90
N THR A 430 0.94 15.41 14.50
CA THR A 430 2.03 16.24 13.96
C THR A 430 3.31 16.26 14.80
N HIS A 431 3.27 15.59 15.95
CA HIS A 431 4.45 15.46 16.81
C HIS A 431 4.37 14.08 17.47
N TRP A 432 5.45 13.28 17.24
CA TRP A 432 5.48 11.88 17.59
C TRP A 432 4.23 11.11 17.08
N SER A 433 3.83 11.44 15.87
CA SER A 433 3.01 10.46 15.08
C SER A 433 3.73 9.10 15.08
N GLY A 434 2.92 8.02 15.23
CA GLY A 434 3.42 6.61 15.31
C GLY A 434 3.57 6.12 16.75
N TYR A 435 3.43 7.07 17.70
CA TYR A 435 3.60 6.77 19.14
C TYR A 435 2.34 7.01 19.98
N MET A 436 2.42 6.54 21.22
CA MET A 436 1.36 6.88 22.19
C MET A 436 1.16 8.36 22.32
N GLU A 437 2.24 9.15 22.33
CA GLU A 437 2.12 10.63 22.37
C GLU A 437 1.26 11.13 21.20
N GLY A 438 1.56 10.68 19.96
CA GLY A 438 0.84 11.14 18.73
C GLY A 438 -0.63 10.67 18.89
N ALA A 439 -0.86 9.50 19.52
CA ALA A 439 -2.25 9.08 19.70
C ALA A 439 -3.04 10.11 20.55
N VAL A 440 -2.43 10.53 21.67
CA VAL A 440 -3.14 11.50 22.49
C VAL A 440 -3.34 12.80 21.70
N GLU A 441 -2.33 13.32 21.02
CA GLU A 441 -2.44 14.58 20.26
C GLU A 441 -3.61 14.50 19.30
N ALA A 442 -3.66 13.42 18.53
CA ALA A 442 -4.73 13.29 17.52
C ALA A 442 -6.11 13.06 18.09
N GLY A 443 -6.22 12.30 19.19
CA GLY A 443 -7.57 12.03 19.74
C GLY A 443 -8.14 13.31 20.31
N GLU A 444 -7.34 14.09 21.04
CA GLU A 444 -7.80 15.34 21.65
C GLU A 444 -8.04 16.36 20.55
N ARG A 445 -7.17 16.43 19.54
CA ARG A 445 -7.43 17.38 18.41
C ARG A 445 -8.71 17.05 17.67
N ALA A 446 -8.99 15.78 17.34
CA ALA A 446 -10.24 15.40 16.64
C ALA A 446 -11.46 15.75 17.55
N ALA A 447 -11.33 15.46 18.84
CA ALA A 447 -12.47 15.78 19.78
C ALA A 447 -12.70 17.30 19.70
N ARG A 448 -11.64 18.11 19.73
CA ARG A 448 -11.85 19.60 19.70
C ARG A 448 -12.38 20.07 18.32
N GLU A 449 -12.01 19.37 17.24
CA GLU A 449 -12.66 19.71 15.98
C GLU A 449 -14.19 19.60 16.10
N ILE A 450 -14.65 18.55 16.78
CA ILE A 450 -16.06 18.35 16.96
C ILE A 450 -16.65 19.42 17.92
N LEU A 451 -15.98 19.69 19.04
CA LEU A 451 -16.43 20.81 19.89
C LEU A 451 -16.52 22.11 19.07
N HIS A 452 -15.55 22.38 18.22
CA HIS A 452 -15.65 23.55 17.37
C HIS A 452 -16.85 23.53 16.39
N ALA A 453 -17.10 22.36 15.77
CA ALA A 453 -18.25 22.15 14.86
C ALA A 453 -19.61 22.40 15.57
N MET A 454 -19.64 22.09 16.86
CA MET A 454 -20.86 22.20 17.69
C MET A 454 -21.03 23.61 18.18
N GLY A 455 -20.03 24.44 17.94
CA GLY A 455 -20.11 25.83 18.36
C GLY A 455 -19.64 26.02 19.78
N LYS A 456 -18.98 25.02 20.39
CA LYS A 456 -18.62 25.07 21.85
C LYS A 456 -17.29 25.76 22.18
N ILE A 457 -16.38 25.74 21.18
CA ILE A 457 -15.10 26.39 21.33
C ILE A 457 -14.77 27.13 20.07
N PRO A 458 -13.94 28.17 20.15
CA PRO A 458 -13.58 28.89 18.95
C PRO A 458 -12.51 28.11 18.17
N GLU A 459 -12.30 28.50 16.95
CA GLU A 459 -11.44 27.71 16.05
C GLU A 459 -10.00 27.60 16.56
N ASP A 460 -9.49 28.67 17.19
CA ASP A 460 -8.13 28.70 17.67
C ASP A 460 -7.87 27.74 18.82
N GLU A 461 -8.87 27.01 19.34
CA GLU A 461 -8.66 26.12 20.44
C GLU A 461 -8.64 24.68 19.89
N ILE A 462 -8.81 24.55 18.59
CA ILE A 462 -8.75 23.16 18.00
C ILE A 462 -7.38 22.52 18.25
N TRP A 463 -6.32 23.25 17.93
CA TRP A 463 -4.93 22.80 18.18
C TRP A 463 -4.47 23.43 19.49
N GLN A 464 -3.97 22.66 20.45
CA GLN A 464 -3.63 23.21 21.74
C GLN A 464 -2.24 22.78 22.11
N SER A 465 -1.41 23.76 22.48
CA SER A 465 -0.02 23.48 22.95
C SER A 465 -0.09 22.72 24.27
N GLU A 466 1.01 22.01 24.63
CA GLU A 466 1.04 21.22 25.85
C GLU A 466 2.19 21.69 26.74
N PRO A 467 1.90 22.02 28.01
CA PRO A 467 3.00 22.43 28.91
C PRO A 467 3.99 21.30 29.06
N GLU A 468 5.28 21.67 29.17
CA GLU A 468 6.31 20.66 29.33
C GLU A 468 6.15 19.92 30.69
N SER A 469 6.31 18.60 30.71
CA SER A 469 6.29 17.84 31.92
C SER A 469 7.35 18.38 32.92
N VAL A 470 7.00 18.44 34.19
CA VAL A 470 7.97 18.86 35.18
C VAL A 470 8.65 17.61 35.73
N ASP A 471 8.12 16.43 35.44
CA ASP A 471 8.73 15.16 35.82
C ASP A 471 9.75 14.61 34.84
N VAL A 472 9.56 14.95 33.57
CA VAL A 472 10.43 14.41 32.53
C VAL A 472 10.85 15.56 31.65
N PRO A 473 11.73 16.41 32.17
CA PRO A 473 12.07 17.61 31.36
C PRO A 473 13.01 17.22 30.18
N ALA A 474 12.93 17.95 29.08
CA ALA A 474 13.78 17.59 27.97
C ALA A 474 15.09 18.39 27.98
N GLN A 475 16.22 17.73 27.82
CA GLN A 475 17.45 18.46 27.53
C GLN A 475 17.47 18.75 26.06
N PRO A 476 18.03 19.89 25.67
CA PRO A 476 18.14 20.23 24.25
C PRO A 476 19.04 19.23 23.54
N ILE A 477 18.84 19.08 22.24
CA ILE A 477 19.83 18.30 21.47
C ILE A 477 20.85 19.30 20.91
N THR A 478 22.11 19.12 21.23
CA THR A 478 23.16 20.11 20.88
C THR A 478 24.13 19.47 19.96
N THR A 479 24.80 20.29 19.15
CA THR A 479 25.92 19.80 18.32
C THR A 479 27.19 20.65 18.63
N THR A 480 28.36 20.18 18.17
CA THR A 480 29.61 20.96 18.30
C THR A 480 29.90 21.68 17.03
N PHE A 481 30.75 22.72 17.11
CA PHE A 481 31.21 23.45 15.95
C PHE A 481 31.76 22.46 14.88
N LEU A 482 32.52 21.45 15.33
CA LEU A 482 33.15 20.52 14.38
C LEU A 482 32.06 19.62 13.76
N GLU A 483 31.11 19.14 14.58
CA GLU A 483 29.97 18.40 14.00
C GLU A 483 29.21 19.22 12.98
N ARG A 484 29.00 20.51 13.28
CA ARG A 484 28.36 21.37 12.29
C ARG A 484 29.10 21.63 11.01
N HIS A 485 30.44 21.74 11.08
CA HIS A 485 31.12 22.37 9.96
C HIS A 485 32.09 21.46 9.23
N LEU A 486 32.39 20.31 9.82
CA LEU A 486 33.26 19.32 9.15
C LEU A 486 32.66 18.91 7.81
N PRO A 487 33.49 18.76 6.76
CA PRO A 487 32.87 18.45 5.45
C PRO A 487 32.34 17.04 5.35
N SER A 488 31.47 16.84 4.33
CA SER A 488 31.11 15.45 3.94
C SER A 488 32.31 14.84 3.20
N VAL A 489 32.16 13.58 2.79
CA VAL A 489 33.22 12.99 2.01
C VAL A 489 33.32 13.71 0.64
N PRO A 490 32.18 13.93 -0.05
CA PRO A 490 32.39 14.61 -1.37
C PRO A 490 32.83 16.08 -1.16
N GLY A 491 32.46 16.69 -0.02
CA GLY A 491 32.95 18.04 0.30
C GLY A 491 34.45 18.05 0.50
N LEU A 492 35.01 17.02 1.17
CA LEU A 492 36.45 16.88 1.28
C LEU A 492 37.12 16.63 -0.08
N LEU A 493 36.46 15.82 -0.89
CA LEU A 493 37.06 15.52 -2.23
C LEU A 493 37.10 16.82 -3.07
N ARG A 494 36.04 17.64 -2.94
CA ARG A 494 35.97 18.96 -3.61
C ARG A 494 37.15 19.86 -3.10
N LEU A 495 37.36 19.93 -1.77
CA LEU A 495 38.50 20.64 -1.16
C LEU A 495 39.89 20.13 -1.64
N ILE A 496 40.09 18.81 -1.73
CA ILE A 496 41.28 18.19 -2.36
C ILE A 496 41.50 18.53 -3.86
N GLY A 497 40.43 18.49 -4.65
CA GLY A 497 40.50 18.81 -6.07
C GLY A 497 40.91 20.26 -6.25
N LEU A 498 40.37 21.14 -5.43
CA LEU A 498 40.72 22.57 -5.42
C LEU A 498 42.17 22.85 -5.01
N THR A 499 42.60 22.28 -3.89
CA THR A 499 43.98 22.41 -3.41
C THR A 499 44.99 21.88 -4.45
N THR A 500 44.66 20.75 -5.08
CA THR A 500 45.36 20.25 -6.29
C THR A 500 45.22 21.25 -7.49
N ILE A 501 45.13 22.56 -7.21
CA ILE A 501 44.93 23.65 -8.21
C ILE A 501 45.14 25.03 -7.53
N ASN B 3 -29.62 -18.57 1.30
CA ASN B 3 -29.23 -19.59 2.31
C ASN B 3 -28.20 -20.69 1.92
N LYS B 4 -28.56 -21.96 1.62
CA LYS B 4 -27.53 -23.01 1.51
C LYS B 4 -27.15 -23.34 0.09
N CYS B 5 -25.87 -23.51 -0.20
CA CYS B 5 -25.46 -23.85 -1.55
C CYS B 5 -24.12 -24.58 -1.51
N ASP B 6 -23.56 -25.00 -2.66
CA ASP B 6 -22.27 -25.64 -2.69
C ASP B 6 -21.11 -24.58 -2.58
N VAL B 7 -21.22 -23.50 -3.37
CA VAL B 7 -20.13 -22.51 -3.39
C VAL B 7 -20.71 -21.11 -3.50
N VAL B 8 -20.18 -20.22 -2.69
CA VAL B 8 -20.56 -18.80 -2.73
C VAL B 8 -19.38 -18.13 -3.45
N VAL B 9 -19.70 -17.35 -4.47
CA VAL B 9 -18.66 -16.59 -5.20
C VAL B 9 -18.87 -15.20 -4.74
N VAL B 10 -17.80 -14.56 -4.18
CA VAL B 10 -17.90 -13.21 -3.74
C VAL B 10 -17.38 -12.30 -4.90
N GLY B 11 -18.28 -11.51 -5.47
CA GLY B 11 -17.95 -10.67 -6.64
C GLY B 11 -18.52 -11.19 -7.97
N GLY B 12 -19.25 -10.35 -8.69
CA GLY B 12 -19.87 -10.66 -9.98
C GLY B 12 -19.21 -9.81 -11.07
N GLY B 13 -17.87 -9.65 -11.02
CA GLY B 13 -17.15 -9.26 -12.24
C GLY B 13 -16.94 -10.44 -13.16
N ILE B 14 -16.13 -10.27 -14.19
CA ILE B 14 -15.89 -11.39 -15.11
C ILE B 14 -15.28 -12.57 -14.43
N SER B 15 -14.39 -12.35 -13.46
CA SER B 15 -13.78 -13.53 -12.89
C SER B 15 -14.78 -14.35 -12.03
N GLY B 16 -15.54 -13.67 -11.18
CA GLY B 16 -16.57 -14.35 -10.32
C GLY B 16 -17.61 -15.03 -11.24
N MET B 17 -18.01 -14.33 -12.29
CA MET B 17 -19.04 -14.90 -13.22
C MET B 17 -18.49 -16.12 -13.92
N ALA B 18 -17.23 -16.04 -14.42
CA ALA B 18 -16.69 -17.18 -15.10
C ALA B 18 -16.55 -18.36 -14.14
N ALA B 19 -16.15 -18.07 -12.89
CA ALA B 19 -16.05 -19.18 -11.89
C ALA B 19 -17.46 -19.78 -11.65
N ALA B 20 -18.45 -18.92 -11.47
CA ALA B 20 -19.82 -19.39 -11.10
C ALA B 20 -20.37 -20.16 -12.30
N LYS B 21 -20.13 -19.72 -13.56
CA LYS B 21 -20.69 -20.44 -14.69
C LYS B 21 -20.04 -21.84 -14.76
N LEU B 22 -18.73 -21.93 -14.51
CA LEU B 22 -18.03 -23.25 -14.63
C LEU B 22 -18.63 -24.26 -13.59
N LEU B 23 -18.79 -23.76 -12.36
CA LEU B 23 -19.30 -24.60 -11.25
C LEU B 23 -20.75 -24.95 -11.57
N HIS B 24 -21.58 -23.96 -11.95
CA HIS B 24 -22.97 -24.24 -12.36
C HIS B 24 -23.06 -25.28 -13.49
N ASP B 25 -22.22 -25.17 -14.53
CA ASP B 25 -22.27 -26.09 -15.63
C ASP B 25 -21.85 -27.50 -15.20
N SER B 26 -21.07 -27.58 -14.13
CA SER B 26 -20.60 -28.91 -13.69
C SER B 26 -21.68 -29.47 -12.73
N GLY B 27 -22.78 -28.75 -12.52
CA GLY B 27 -23.91 -29.24 -11.66
C GLY B 27 -23.90 -28.88 -10.19
N LEU B 28 -22.98 -27.96 -9.73
CA LEU B 28 -23.12 -27.43 -8.38
C LEU B 28 -24.06 -26.29 -8.29
N ASN B 29 -24.57 -26.11 -7.07
CA ASN B 29 -25.40 -25.01 -6.73
C ASN B 29 -24.53 -23.80 -6.31
N VAL B 30 -24.56 -22.74 -7.12
CA VAL B 30 -23.67 -21.59 -6.85
C VAL B 30 -24.54 -20.39 -6.53
N VAL B 31 -24.00 -19.47 -5.70
CA VAL B 31 -24.61 -18.20 -5.55
C VAL B 31 -23.50 -17.15 -5.74
N VAL B 32 -23.83 -16.08 -6.44
CA VAL B 32 -22.87 -14.95 -6.58
C VAL B 32 -23.34 -13.82 -5.75
N LEU B 33 -22.49 -13.32 -4.82
CA LEU B 33 -22.87 -12.18 -3.95
C LEU B 33 -22.10 -10.98 -4.50
N GLU B 34 -22.87 -10.06 -5.10
CA GLU B 34 -22.28 -8.82 -5.73
C GLU B 34 -22.65 -7.59 -4.92
N ALA B 35 -21.64 -6.76 -4.58
CA ALA B 35 -21.84 -5.59 -3.80
C ALA B 35 -22.70 -4.50 -4.49
N ARG B 36 -22.47 -4.27 -5.80
CA ARG B 36 -23.10 -3.23 -6.54
C ARG B 36 -24.52 -3.60 -6.94
N ASP B 37 -25.23 -2.60 -7.44
CA ASP B 37 -26.54 -2.86 -8.03
C ASP B 37 -26.39 -3.27 -9.51
N ARG B 38 -25.16 -3.65 -9.92
CA ARG B 38 -24.93 -4.16 -11.26
C ARG B 38 -23.81 -5.20 -11.21
N VAL B 39 -23.75 -6.00 -12.29
CA VAL B 39 -22.61 -6.89 -12.49
C VAL B 39 -21.57 -6.24 -13.38
N GLY B 40 -20.42 -6.89 -13.45
CA GLY B 40 -19.35 -6.46 -14.44
C GLY B 40 -18.14 -5.83 -13.76
N GLY B 41 -18.33 -5.17 -12.61
CA GLY B 41 -17.11 -4.72 -11.83
C GLY B 41 -16.32 -3.63 -12.56
N ARG B 42 -15.03 -3.94 -12.89
CA ARG B 42 -14.19 -3.03 -13.69
C ARG B 42 -14.53 -2.96 -15.16
N THR B 43 -15.49 -3.78 -15.63
CA THR B 43 -16.17 -3.49 -16.90
C THR B 43 -17.55 -2.92 -16.64
N TYR B 44 -17.91 -1.96 -17.51
CA TYR B 44 -19.20 -1.22 -17.34
C TYR B 44 -19.50 -0.69 -18.74
N THR B 45 -20.63 -1.12 -19.35
CA THR B 45 -21.00 -0.61 -20.66
C THR B 45 -22.28 0.23 -20.40
N LEU B 46 -22.16 1.52 -20.66
CA LEU B 46 -23.31 2.46 -20.57
C LEU B 46 -24.04 2.49 -21.91
N ARG B 47 -25.40 2.50 -21.88
CA ARG B 47 -26.17 2.60 -23.15
C ARG B 47 -27.03 3.86 -23.04
N ASN B 48 -26.98 4.68 -24.10
CA ASN B 48 -27.98 5.80 -24.27
C ASN B 48 -28.06 6.14 -25.73
N GLN B 49 -29.01 6.99 -26.16
CA GLN B 49 -29.21 7.17 -27.56
C GLN B 49 -28.00 7.91 -28.22
N LYS B 50 -27.38 8.74 -27.42
CA LYS B 50 -26.24 9.56 -27.98
C LYS B 50 -25.04 8.69 -28.35
N VAL B 51 -24.76 7.64 -27.54
CA VAL B 51 -23.57 6.82 -27.84
C VAL B 51 -23.82 5.39 -28.31
N LYS B 52 -25.10 5.05 -28.27
CA LYS B 52 -25.62 3.68 -28.48
C LYS B 52 -25.17 2.79 -27.28
N TYR B 53 -23.88 2.46 -27.28
CA TYR B 53 -23.28 1.86 -26.09
C TYR B 53 -21.80 2.36 -26.00
N VAL B 54 -21.24 2.36 -24.81
CA VAL B 54 -19.79 2.76 -24.66
C VAL B 54 -19.24 1.98 -23.49
N ASP B 55 -18.05 1.39 -23.68
CA ASP B 55 -17.32 0.82 -22.52
C ASP B 55 -16.63 1.90 -21.72
N LEU B 56 -17.02 2.06 -20.44
CA LEU B 56 -16.44 3.09 -19.59
C LEU B 56 -15.35 2.44 -18.73
N GLY B 57 -15.38 1.09 -18.72
CA GLY B 57 -14.33 0.28 -18.00
C GLY B 57 -13.52 -0.48 -19.04
N GLY B 58 -13.12 -1.67 -18.68
CA GLY B 58 -12.34 -2.47 -19.62
C GLY B 58 -13.03 -2.73 -20.96
N SER B 59 -12.27 -2.72 -22.09
CA SER B 59 -12.96 -2.81 -23.40
C SER B 59 -12.26 -3.74 -24.43
N TYR B 60 -10.92 -3.67 -24.41
CA TYR B 60 -10.13 -4.24 -25.50
C TYR B 60 -9.80 -5.71 -25.23
N VAL B 61 -9.83 -6.47 -26.31
CA VAL B 61 -9.31 -7.87 -26.37
C VAL B 61 -8.46 -8.00 -27.58
N GLY B 62 -7.58 -9.01 -27.58
CA GLY B 62 -6.67 -9.16 -28.72
C GLY B 62 -6.11 -10.57 -28.79
N PRO B 63 -5.29 -10.81 -29.79
CA PRO B 63 -4.66 -12.15 -29.98
C PRO B 63 -3.92 -12.60 -28.72
N THR B 64 -3.97 -13.90 -28.50
CA THR B 64 -3.41 -14.63 -27.36
C THR B 64 -4.31 -14.57 -26.14
N GLN B 65 -5.40 -13.79 -26.15
CA GLN B 65 -6.35 -13.79 -25.03
C GLN B 65 -7.49 -14.77 -25.39
N ASN B 66 -7.19 -16.05 -25.35
CA ASN B 66 -8.14 -17.01 -25.94
C ASN B 66 -9.24 -17.38 -25.03
N ARG B 67 -9.06 -17.21 -23.71
CA ARG B 67 -10.15 -17.56 -22.82
C ARG B 67 -11.30 -16.58 -22.87
N ILE B 68 -10.97 -15.29 -22.73
CA ILE B 68 -12.08 -14.30 -22.79
C ILE B 68 -12.76 -14.37 -24.20
N LEU B 69 -11.98 -14.62 -25.28
CA LEU B 69 -12.56 -14.70 -26.64
C LEU B 69 -13.50 -15.95 -26.73
N ARG B 70 -13.06 -17.04 -26.17
CA ARG B 70 -13.92 -18.29 -26.17
C ARG B 70 -15.20 -18.06 -25.28
N LEU B 71 -15.08 -17.56 -24.03
CA LEU B 71 -16.22 -17.29 -23.19
C LEU B 71 -17.19 -16.36 -23.89
N ALA B 72 -16.70 -15.22 -24.41
CA ALA B 72 -17.64 -14.24 -25.01
C ALA B 72 -18.31 -14.90 -26.26
N LYS B 73 -17.54 -15.66 -27.01
CA LYS B 73 -18.15 -16.26 -28.27
C LYS B 73 -19.28 -17.25 -27.87
N GLU B 74 -19.01 -18.02 -26.81
CA GLU B 74 -20.07 -18.93 -26.26
C GLU B 74 -21.37 -18.20 -25.80
N LEU B 75 -21.22 -16.99 -25.25
CA LEU B 75 -22.30 -16.15 -24.87
C LEU B 75 -22.96 -15.38 -26.02
N GLY B 76 -22.45 -15.50 -27.24
CA GLY B 76 -23.14 -14.96 -28.43
C GLY B 76 -22.57 -13.61 -28.82
N LEU B 77 -21.40 -13.23 -28.28
CA LEU B 77 -20.81 -11.92 -28.64
C LEU B 77 -19.84 -12.02 -29.82
N GLU B 78 -19.62 -10.87 -30.45
CA GLU B 78 -18.71 -10.80 -31.67
C GLU B 78 -17.75 -9.64 -31.39
N THR B 79 -16.59 -9.66 -32.02
CA THR B 79 -15.66 -8.50 -31.87
C THR B 79 -15.57 -7.71 -33.19
N TYR B 80 -15.02 -6.49 -33.12
CA TYR B 80 -14.67 -5.77 -34.34
C TYR B 80 -13.31 -5.15 -34.04
N LYS B 81 -12.64 -4.73 -35.12
CA LYS B 81 -11.25 -4.23 -34.95
C LYS B 81 -11.26 -2.75 -34.67
N VAL B 82 -10.43 -2.40 -33.68
CA VAL B 82 -10.20 -1.00 -33.35
C VAL B 82 -9.52 -0.35 -34.56
N ASN B 83 -9.96 0.85 -34.95
CA ASN B 83 -9.45 1.39 -36.19
C ASN B 83 -7.92 1.70 -36.12
N GLU B 84 -7.13 1.09 -37.01
CA GLU B 84 -5.70 1.42 -37.13
C GLU B 84 -5.25 1.48 -38.60
N VAL B 85 -6.16 1.93 -39.46
CA VAL B 85 -5.85 1.92 -40.90
C VAL B 85 -4.88 3.04 -41.22
N GLU B 86 -5.14 4.22 -40.68
CA GLU B 86 -4.29 5.40 -41.01
C GLU B 86 -3.14 5.60 -40.02
N ARG B 87 -2.46 6.76 -40.09
CA ARG B 87 -1.22 6.92 -39.30
C ARG B 87 -1.52 7.18 -37.84
N LEU B 88 -0.56 6.73 -37.02
CA LEU B 88 -0.58 7.02 -35.59
C LEU B 88 0.16 8.38 -35.40
N ILE B 89 -0.03 9.03 -34.24
CA ILE B 89 0.69 10.26 -33.95
C ILE B 89 1.51 10.16 -32.68
N HIS B 90 2.79 10.58 -32.74
CA HIS B 90 3.49 10.84 -31.48
C HIS B 90 3.61 12.36 -31.38
N HIS B 91 3.08 12.93 -30.31
CA HIS B 91 3.14 14.41 -30.09
C HIS B 91 4.18 14.67 -29.00
N VAL B 92 5.26 15.37 -29.37
CA VAL B 92 6.38 15.51 -28.38
C VAL B 92 6.82 16.96 -28.54
N LYS B 93 7.04 17.59 -27.40
CA LYS B 93 7.50 18.98 -27.38
C LYS B 93 6.66 19.86 -28.29
N GLY B 94 5.33 19.67 -28.17
CA GLY B 94 4.40 20.53 -28.82
C GLY B 94 4.26 20.33 -30.32
N LYS B 95 4.71 19.20 -30.84
CA LYS B 95 4.57 18.97 -32.27
C LYS B 95 4.14 17.50 -32.57
N SER B 96 3.30 17.31 -33.58
CA SER B 96 2.85 15.95 -34.00
C SER B 96 3.74 15.33 -35.05
N TYR B 97 4.13 14.09 -34.80
CA TYR B 97 4.91 13.34 -35.78
C TYR B 97 4.16 12.06 -36.18
N PRO B 98 3.70 11.95 -37.40
CA PRO B 98 2.89 10.79 -37.72
C PRO B 98 3.80 9.58 -37.99
N PHE B 99 3.37 8.37 -37.66
CA PHE B 99 4.19 7.16 -37.83
C PHE B 99 3.32 5.93 -37.95
N ARG B 100 3.96 4.82 -38.32
CA ARG B 100 3.38 3.47 -38.17
C ARG B 100 4.26 2.50 -37.43
N GLY B 101 3.70 1.43 -36.84
CA GLY B 101 4.54 0.45 -36.11
C GLY B 101 4.55 0.51 -34.60
N PRO B 102 5.24 -0.43 -33.97
CA PRO B 102 5.00 -0.48 -32.54
C PRO B 102 5.53 0.75 -31.78
N PHE B 103 6.63 1.38 -32.27
CA PHE B 103 7.18 2.56 -31.53
C PHE B 103 7.49 3.63 -32.56
N PRO B 104 7.37 4.93 -32.17
CA PRO B 104 7.61 6.03 -33.09
C PRO B 104 9.06 5.97 -33.59
N PRO B 105 9.31 6.31 -34.84
CA PRO B 105 10.75 6.25 -35.29
C PRO B 105 11.60 7.32 -34.55
N VAL B 106 12.89 7.00 -34.36
CA VAL B 106 13.83 7.87 -33.67
C VAL B 106 14.90 8.03 -34.77
N TRP B 107 15.37 9.25 -35.03
CA TRP B 107 16.39 9.47 -36.08
C TRP B 107 17.83 9.70 -35.54
N ASN B 108 17.97 10.40 -34.44
CA ASN B 108 19.32 10.60 -33.85
C ASN B 108 19.93 9.26 -33.48
N PRO B 109 21.16 8.96 -33.99
CA PRO B 109 21.73 7.62 -33.90
C PRO B 109 21.94 7.24 -32.41
N ILE B 110 22.23 8.20 -31.53
CA ILE B 110 22.45 7.83 -30.09
C ILE B 110 21.14 7.48 -29.40
N THR B 111 20.17 8.32 -29.66
CA THR B 111 18.80 8.14 -29.17
C THR B 111 18.26 6.85 -29.78
N TYR B 112 18.48 6.62 -31.06
CA TYR B 112 18.10 5.31 -31.63
C TYR B 112 18.61 4.12 -30.85
N LEU B 113 19.91 4.06 -30.57
CA LEU B 113 20.48 2.95 -29.81
C LEU B 113 19.82 2.81 -28.39
N ASP B 114 19.67 3.96 -27.77
CA ASP B 114 19.12 4.06 -26.39
C ASP B 114 17.66 3.53 -26.34
N HIS B 115 16.84 3.99 -27.27
CA HIS B 115 15.46 3.47 -27.35
C HIS B 115 15.44 2.01 -27.71
N ASN B 116 16.24 1.59 -28.71
CA ASN B 116 16.23 0.21 -29.09
C ASN B 116 16.64 -0.72 -27.91
N ASN B 117 17.65 -0.30 -27.17
CA ASN B 117 18.11 -1.09 -26.05
C ASN B 117 17.10 -1.14 -24.91
N PHE B 118 16.35 -0.08 -24.75
CA PHE B 118 15.41 -0.02 -23.62
C PHE B 118 14.35 -1.14 -23.79
N TRP B 119 13.68 -1.11 -24.94
CA TRP B 119 12.61 -2.14 -25.14
C TRP B 119 13.18 -3.52 -25.09
N ARG B 120 14.33 -3.67 -25.76
CA ARG B 120 14.98 -4.99 -25.85
C ARG B 120 15.33 -5.48 -24.47
N THR B 121 15.83 -4.58 -23.62
CA THR B 121 16.27 -4.97 -22.26
C THR B 121 15.07 -5.32 -21.39
N MET B 122 13.96 -4.61 -21.54
CA MET B 122 12.73 -5.02 -20.76
C MET B 122 12.33 -6.47 -21.08
N ASP B 123 12.37 -6.85 -22.38
CA ASP B 123 11.97 -8.22 -22.78
C ASP B 123 13.06 -9.20 -22.36
N ASP B 124 14.34 -8.81 -22.47
CA ASP B 124 15.44 -9.74 -21.98
C ASP B 124 15.26 -10.09 -20.49
N MET B 125 14.96 -9.08 -19.70
CA MET B 125 14.76 -9.28 -18.26
C MET B 125 13.59 -10.11 -18.05
N GLY B 126 12.51 -9.85 -18.85
CA GLY B 126 11.27 -10.65 -18.68
C GLY B 126 11.48 -12.17 -18.87
N ARG B 127 12.41 -12.54 -19.73
CA ARG B 127 12.60 -13.99 -19.97
C ARG B 127 13.18 -14.74 -18.80
N GLU B 128 13.68 -14.01 -17.80
CA GLU B 128 14.15 -14.64 -16.50
C GLU B 128 13.11 -14.64 -15.42
N ILE B 129 11.87 -14.21 -15.75
CA ILE B 129 10.86 -14.08 -14.68
C ILE B 129 9.71 -15.07 -14.97
N PRO B 130 9.57 -16.11 -14.11
CA PRO B 130 8.55 -17.12 -14.36
C PRO B 130 7.16 -16.49 -14.25
N SER B 131 6.32 -16.72 -15.28
CA SER B 131 4.98 -16.15 -15.23
C SER B 131 4.17 -16.53 -13.99
N ASP B 132 4.33 -17.79 -13.55
CA ASP B 132 3.57 -18.28 -12.45
C ASP B 132 4.25 -18.07 -11.06
N ALA B 133 5.45 -17.41 -11.05
CA ALA B 133 6.17 -17.24 -9.75
C ALA B 133 7.26 -16.23 -9.99
N PRO B 134 6.89 -14.99 -10.19
CA PRO B 134 7.92 -13.98 -10.48
C PRO B 134 8.93 -13.79 -9.33
N TRP B 135 8.59 -14.16 -8.09
CA TRP B 135 9.51 -14.16 -6.95
C TRP B 135 10.56 -15.25 -7.10
N LYS B 136 10.45 -16.10 -8.14
CA LYS B 136 11.53 -17.07 -8.38
C LYS B 136 12.51 -16.57 -9.44
N ALA B 137 12.40 -15.33 -9.93
CA ALA B 137 13.37 -14.82 -10.91
C ALA B 137 14.75 -14.87 -10.20
N PRO B 138 15.82 -15.13 -10.97
CA PRO B 138 17.14 -15.28 -10.30
C PRO B 138 17.53 -13.99 -9.57
N LEU B 139 17.17 -12.84 -10.12
CA LEU B 139 17.46 -11.57 -9.44
C LEU B 139 16.18 -10.96 -8.80
N ALA B 140 15.26 -11.83 -8.36
CA ALA B 140 13.97 -11.31 -7.83
C ALA B 140 14.15 -10.17 -6.81
N GLU B 141 15.02 -10.38 -5.80
CA GLU B 141 15.10 -9.38 -4.70
C GLU B 141 15.67 -8.06 -5.27
N GLU B 142 16.79 -8.19 -6.03
CA GLU B 142 17.42 -7.01 -6.55
C GLU B 142 16.41 -6.15 -7.37
N TRP B 143 15.70 -6.82 -8.28
CA TRP B 143 14.75 -6.08 -9.12
C TRP B 143 13.53 -5.67 -8.32
N ASP B 144 13.11 -6.43 -7.30
CA ASP B 144 11.90 -5.99 -6.53
C ASP B 144 12.19 -4.80 -5.63
N ASN B 145 13.48 -4.59 -5.32
CA ASN B 145 13.79 -3.53 -4.33
C ASN B 145 14.05 -2.22 -5.01
N MET B 146 13.92 -2.18 -6.34
CA MET B 146 14.03 -0.90 -7.04
C MET B 146 12.68 -0.54 -7.64
N THR B 147 12.42 0.76 -7.73
CA THR B 147 11.25 1.19 -8.55
C THR B 147 11.55 1.17 -10.04
N MET B 148 10.47 1.25 -10.86
CA MET B 148 10.71 1.39 -12.29
C MET B 148 11.41 2.69 -12.60
N LYS B 149 11.22 3.73 -11.76
CA LYS B 149 11.89 5.01 -12.09
C LYS B 149 13.41 4.78 -11.92
N GLU B 150 13.77 4.06 -10.84
CA GLU B 150 15.24 3.80 -10.65
C GLU B 150 15.78 2.94 -11.79
N LEU B 151 15.01 1.95 -12.24
CA LEU B 151 15.48 1.17 -13.40
C LEU B 151 15.62 2.00 -14.69
N LEU B 152 14.64 2.86 -14.95
CA LEU B 152 14.71 3.71 -16.16
C LEU B 152 15.90 4.67 -16.06
N ASP B 153 16.13 5.20 -14.86
CA ASP B 153 17.30 6.11 -14.64
C ASP B 153 18.59 5.40 -14.93
N LYS B 154 18.67 4.11 -14.61
CA LYS B 154 19.86 3.28 -14.86
C LYS B 154 20.02 3.01 -16.38
N LEU B 155 18.93 2.54 -17.03
CA LEU B 155 19.01 2.03 -18.38
C LEU B 155 19.02 3.14 -19.43
N CYS B 156 18.32 4.25 -19.21
CA CYS B 156 18.12 5.21 -20.29
C CYS B 156 19.21 6.25 -20.26
N TRP B 157 20.03 6.29 -21.29
CA TRP B 157 21.04 7.36 -21.39
C TRP B 157 20.54 8.63 -22.05
N THR B 158 19.31 8.62 -22.55
CA THR B 158 18.77 9.79 -23.13
C THR B 158 17.45 10.11 -22.46
N GLU B 159 17.13 11.39 -22.45
CA GLU B 159 15.86 11.90 -21.91
C GLU B 159 14.70 11.46 -22.77
N SER B 160 14.92 11.34 -24.07
CA SER B 160 13.89 10.94 -25.02
C SER B 160 13.38 9.53 -24.69
N ALA B 161 14.33 8.63 -24.49
CA ALA B 161 13.99 7.26 -24.14
C ALA B 161 13.26 7.24 -22.78
N LYS B 162 13.79 7.94 -21.78
CA LYS B 162 13.21 7.97 -20.47
C LYS B 162 11.74 8.51 -20.48
N GLN B 163 11.48 9.54 -21.26
CA GLN B 163 10.15 10.10 -21.37
C GLN B 163 9.19 9.05 -22.00
N LEU B 164 9.63 8.36 -23.05
CA LEU B 164 8.73 7.40 -23.73
C LEU B 164 8.52 6.17 -22.84
N ALA B 165 9.59 5.74 -22.15
CA ALA B 165 9.42 4.65 -21.18
C ALA B 165 8.46 5.01 -20.05
N THR B 166 8.53 6.25 -19.57
CA THR B 166 7.60 6.74 -18.54
C THR B 166 6.15 6.64 -19.08
N LEU B 167 5.92 7.18 -20.30
CA LEU B 167 4.57 7.10 -20.84
C LEU B 167 4.14 5.63 -20.87
N PHE B 168 5.05 4.75 -21.34
CA PHE B 168 4.70 3.35 -21.47
C PHE B 168 4.26 2.78 -20.09
N VAL B 169 5.04 3.08 -19.00
CA VAL B 169 4.67 2.52 -17.67
C VAL B 169 3.33 3.13 -17.24
N ASN B 170 3.16 4.43 -17.44
CA ASN B 170 1.95 5.10 -16.93
C ASN B 170 0.71 4.51 -17.63
N LEU B 171 0.79 4.25 -18.92
CA LEU B 171 -0.37 3.72 -19.67
C LEU B 171 -0.62 2.24 -19.40
N CYS B 172 0.42 1.46 -19.19
CA CYS B 172 0.17 -0.01 -18.99
C CYS B 172 -0.43 -0.30 -17.65
N VAL B 173 0.01 0.46 -16.66
CA VAL B 173 -0.35 0.11 -15.21
C VAL B 173 -0.93 1.29 -14.36
N THR B 174 -1.31 2.37 -15.06
CA THR B 174 -1.97 3.56 -14.51
C THR B 174 -1.32 3.98 -13.20
N ALA B 175 0.03 4.00 -13.24
CA ALA B 175 0.76 4.37 -11.97
C ALA B 175 2.06 5.00 -12.40
N GLU B 176 2.67 5.73 -11.47
CA GLU B 176 3.89 6.41 -11.78
C GLU B 176 5.07 5.43 -11.70
N THR B 177 6.16 5.76 -12.42
CA THR B 177 7.30 4.85 -12.44
C THR B 177 7.90 4.71 -11.02
N HIS B 178 7.84 5.76 -10.21
CA HIS B 178 8.44 5.65 -8.87
C HIS B 178 7.47 4.99 -7.87
N GLU B 179 6.23 4.68 -8.27
CA GLU B 179 5.30 3.99 -7.35
C GLU B 179 5.45 2.48 -7.38
N VAL B 180 5.94 1.93 -8.50
CA VAL B 180 5.90 0.47 -8.75
C VAL B 180 7.27 -0.24 -8.66
N SER B 181 7.25 -1.52 -8.25
CA SER B 181 8.47 -2.37 -8.33
C SER B 181 8.87 -2.73 -9.77
N ALA B 182 10.17 -2.67 -10.04
CA ALA B 182 10.68 -3.04 -11.34
C ALA B 182 10.41 -4.50 -11.55
N LEU B 183 10.62 -5.38 -10.54
CA LEU B 183 10.33 -6.82 -10.77
C LEU B 183 8.86 -6.97 -11.20
N TRP B 184 7.97 -6.36 -10.42
CA TRP B 184 6.54 -6.61 -10.71
C TRP B 184 6.23 -6.02 -12.10
N PHE B 185 6.72 -4.83 -12.43
CA PHE B 185 6.36 -4.28 -13.77
C PHE B 185 6.92 -5.16 -14.91
N LEU B 186 8.18 -5.61 -14.74
CA LEU B 186 8.75 -6.52 -15.74
C LEU B 186 7.97 -7.83 -15.85
N TRP B 187 7.52 -8.38 -14.72
CA TRP B 187 6.65 -9.58 -14.77
C TRP B 187 5.38 -9.19 -15.54
N TYR B 188 4.79 -8.01 -15.23
CA TYR B 188 3.50 -7.67 -15.81
C TYR B 188 3.58 -7.64 -17.30
N VAL B 189 4.66 -7.03 -17.86
CA VAL B 189 4.80 -6.94 -19.33
C VAL B 189 5.05 -8.36 -19.92
N LYS B 190 5.94 -9.12 -19.27
CA LYS B 190 6.27 -10.42 -19.81
C LYS B 190 5.04 -11.37 -19.88
N GLN B 191 4.18 -11.27 -18.85
CA GLN B 191 3.06 -12.17 -18.78
C GLN B 191 1.90 -11.71 -19.72
N CYS B 192 2.05 -10.54 -20.33
CA CYS B 192 1.19 -10.19 -21.48
C CYS B 192 1.83 -10.47 -22.88
N GLY B 193 2.96 -11.16 -22.89
CA GLY B 193 3.66 -11.47 -24.14
C GLY B 193 4.77 -10.57 -24.61
N GLY B 194 5.13 -9.61 -23.73
CA GLY B 194 6.23 -8.74 -24.00
C GLY B 194 5.87 -7.33 -24.44
N THR B 195 6.86 -6.51 -24.75
CA THR B 195 6.60 -5.05 -24.98
C THR B 195 5.79 -4.80 -26.23
N THR B 196 6.09 -5.56 -27.29
CA THR B 196 5.33 -5.30 -28.57
C THR B 196 3.87 -5.74 -28.42
N ARG B 197 3.65 -6.90 -27.80
CA ARG B 197 2.30 -7.49 -27.76
C ARG B 197 1.46 -6.59 -26.83
N ILE B 198 2.04 -6.11 -25.71
CA ILE B 198 1.14 -5.37 -24.77
C ILE B 198 0.78 -4.00 -25.30
N ILE B 199 1.67 -3.40 -26.10
CA ILE B 199 1.42 -1.99 -26.49
C ILE B 199 0.69 -1.87 -27.81
N SER B 200 0.64 -2.96 -28.57
CA SER B 200 0.10 -2.88 -29.90
C SER B 200 -1.41 -2.92 -29.99
N THR B 201 -1.93 -2.28 -31.04
CA THR B 201 -3.36 -2.42 -31.39
C THR B 201 -3.44 -3.61 -32.38
N THR B 202 -3.04 -3.44 -33.65
CA THR B 202 -2.91 -4.62 -34.54
C THR B 202 -1.96 -5.67 -34.01
N ASN B 203 -2.47 -6.90 -33.84
CA ASN B 203 -1.69 -8.06 -33.32
C ASN B 203 -1.29 -7.78 -31.84
N GLY B 204 -2.02 -6.95 -31.08
CA GLY B 204 -1.70 -6.86 -29.66
C GLY B 204 -2.94 -6.73 -28.76
N GLY B 205 -2.74 -6.24 -27.56
CA GLY B 205 -3.84 -6.23 -26.54
C GLY B 205 -5.00 -5.32 -26.93
N GLN B 206 -4.70 -4.28 -27.75
CA GLN B 206 -5.82 -3.38 -28.12
C GLN B 206 -6.48 -3.67 -29.43
N GLU B 207 -6.37 -4.90 -29.96
CA GLU B 207 -6.84 -5.07 -31.33
C GLU B 207 -8.32 -4.94 -31.54
N ARG B 208 -9.13 -5.40 -30.57
CA ARG B 208 -10.53 -5.53 -30.83
C ARG B 208 -11.37 -5.04 -29.65
N LYS B 209 -12.65 -4.75 -29.93
CA LYS B 209 -13.63 -4.47 -28.86
C LYS B 209 -14.84 -5.41 -29.15
N PHE B 210 -15.67 -5.57 -28.12
CA PHE B 210 -16.90 -6.41 -28.32
C PHE B 210 -17.98 -5.53 -28.88
N VAL B 211 -18.63 -6.06 -29.94
CA VAL B 211 -19.83 -5.36 -30.41
C VAL B 211 -20.87 -5.27 -29.29
N GLY B 212 -21.39 -4.08 -28.98
CA GLY B 212 -22.36 -3.95 -27.87
C GLY B 212 -21.75 -3.77 -26.48
N GLY B 213 -20.42 -3.94 -26.35
CA GLY B 213 -19.85 -3.60 -25.03
C GLY B 213 -19.37 -4.86 -24.29
N SER B 214 -18.27 -4.72 -23.56
CA SER B 214 -17.77 -5.88 -22.83
C SER B 214 -18.64 -6.21 -21.56
N GLY B 215 -19.46 -5.29 -21.03
CA GLY B 215 -20.34 -5.53 -19.83
C GLY B 215 -21.27 -6.70 -20.18
N GLN B 216 -21.45 -6.92 -21.48
CA GLN B 216 -22.35 -8.06 -21.88
C GLN B 216 -21.80 -9.45 -21.43
N VAL B 217 -20.48 -9.59 -21.21
CA VAL B 217 -20.00 -10.90 -20.75
C VAL B 217 -20.62 -11.19 -19.36
N SER B 218 -20.47 -10.25 -18.42
CA SER B 218 -20.98 -10.43 -17.03
C SER B 218 -22.54 -10.47 -17.06
N GLU B 219 -23.15 -9.59 -17.86
CA GLU B 219 -24.65 -9.53 -17.91
C GLU B 219 -25.22 -10.85 -18.42
N ARG B 220 -24.57 -11.39 -19.43
CA ARG B 220 -25.13 -12.67 -20.08
C ARG B 220 -24.87 -13.87 -19.22
N ILE B 221 -23.79 -13.87 -18.41
CA ILE B 221 -23.70 -14.97 -17.41
C ILE B 221 -24.73 -14.75 -16.29
N MET B 222 -24.95 -13.52 -15.87
CA MET B 222 -26.02 -13.24 -14.90
C MET B 222 -27.38 -13.74 -15.53
N ASP B 223 -27.54 -13.56 -16.85
CA ASP B 223 -28.81 -14.03 -17.51
C ASP B 223 -28.91 -15.55 -17.31
N LEU B 224 -27.83 -16.28 -17.57
CA LEU B 224 -27.85 -17.70 -17.38
C LEU B 224 -28.15 -18.09 -15.94
N LEU B 225 -27.50 -17.43 -14.98
CA LEU B 225 -27.59 -17.94 -13.61
C LEU B 225 -28.96 -17.60 -12.93
N GLY B 226 -29.66 -16.56 -13.45
CA GLY B 226 -30.94 -15.93 -12.96
C GLY B 226 -30.85 -15.49 -11.54
N ASP B 227 -31.60 -16.16 -10.67
CA ASP B 227 -31.69 -15.60 -9.35
C ASP B 227 -30.57 -16.11 -8.41
N ARG B 228 -29.63 -16.84 -8.96
CA ARG B 228 -28.39 -17.17 -8.24
C ARG B 228 -27.47 -15.96 -8.01
N VAL B 229 -27.66 -14.87 -8.78
CA VAL B 229 -26.86 -13.67 -8.64
C VAL B 229 -27.66 -12.73 -7.75
N LYS B 230 -27.03 -12.30 -6.67
CA LYS B 230 -27.70 -11.45 -5.67
C LYS B 230 -26.97 -10.09 -5.71
N LEU B 231 -27.62 -9.07 -6.24
CA LEU B 231 -27.08 -7.71 -6.31
C LEU B 231 -27.28 -6.93 -5.06
N GLU B 232 -26.40 -5.95 -4.75
CA GLU B 232 -26.52 -5.16 -3.52
C GLU B 232 -26.41 -6.09 -2.28
N ARG B 233 -25.48 -7.02 -2.40
CA ARG B 233 -25.09 -7.87 -1.30
C ARG B 233 -23.57 -7.78 -1.07
N PRO B 234 -23.11 -6.67 -0.48
CA PRO B 234 -21.67 -6.57 -0.17
C PRO B 234 -21.43 -7.59 0.93
N VAL B 235 -20.43 -8.45 0.77
CA VAL B 235 -19.98 -9.38 1.81
C VAL B 235 -19.20 -8.62 2.88
N ILE B 236 -19.59 -8.85 4.14
CA ILE B 236 -18.97 -8.18 5.30
C ILE B 236 -18.24 -9.15 6.27
N TYR B 237 -18.55 -10.44 6.15
CA TYR B 237 -18.05 -11.37 7.16
C TYR B 237 -18.07 -12.79 6.58
N ILE B 238 -16.96 -13.47 6.85
CA ILE B 238 -16.76 -14.85 6.46
C ILE B 238 -16.26 -15.63 7.67
N ASP B 239 -17.02 -16.69 8.03
CA ASP B 239 -16.71 -17.50 9.21
C ASP B 239 -16.48 -18.95 8.82
N GLN B 240 -15.29 -19.45 9.10
CA GLN B 240 -14.96 -20.80 8.71
C GLN B 240 -14.72 -21.69 9.94
N THR B 241 -15.23 -21.29 11.07
CA THR B 241 -14.92 -22.05 12.30
C THR B 241 -15.84 -23.25 12.40
N ARG B 242 -16.87 -23.33 11.55
CA ARG B 242 -17.87 -24.46 11.63
C ARG B 242 -17.81 -25.39 10.45
N GLU B 243 -18.74 -26.37 10.43
CA GLU B 243 -18.76 -27.43 9.39
C GLU B 243 -18.85 -26.82 7.97
N ASN B 244 -19.82 -25.95 7.74
CA ASN B 244 -19.92 -25.20 6.48
C ASN B 244 -19.47 -23.76 6.70
N VAL B 245 -18.99 -23.10 5.62
CA VAL B 245 -18.56 -21.69 5.66
C VAL B 245 -19.78 -20.80 5.68
N LEU B 246 -19.81 -19.77 6.54
CA LEU B 246 -20.90 -18.86 6.64
C LEU B 246 -20.46 -17.50 6.09
N VAL B 247 -21.25 -16.99 5.15
CA VAL B 247 -20.91 -15.72 4.51
C VAL B 247 -22.05 -14.76 4.74
N GLU B 248 -21.76 -13.61 5.39
CA GLU B 248 -22.79 -12.67 5.74
C GLU B 248 -22.66 -11.37 4.87
N THR B 249 -23.79 -10.84 4.41
CA THR B 249 -23.84 -9.56 3.68
C THR B 249 -24.26 -8.34 4.53
N LEU B 250 -24.01 -7.11 4.03
CA LEU B 250 -24.33 -5.88 4.69
C LEU B 250 -25.85 -5.73 4.92
N ASN B 251 -26.63 -6.27 3.98
CA ASN B 251 -28.11 -6.21 4.05
C ASN B 251 -28.62 -7.35 4.89
N HIS B 252 -27.76 -7.93 5.72
CA HIS B 252 -28.23 -8.80 6.80
C HIS B 252 -28.79 -10.14 6.34
N GLU B 253 -28.17 -10.74 5.32
CA GLU B 253 -28.44 -12.06 4.85
C GLU B 253 -27.25 -12.96 5.16
N MET B 254 -27.55 -14.25 5.36
CA MET B 254 -26.53 -15.24 5.69
C MET B 254 -26.56 -16.35 4.66
N TYR B 255 -25.40 -16.73 4.12
CA TYR B 255 -25.33 -17.77 3.10
C TYR B 255 -24.42 -18.81 3.68
N GLU B 256 -24.72 -20.07 3.42
CA GLU B 256 -23.94 -21.15 3.92
C GLU B 256 -23.46 -22.00 2.75
N ALA B 257 -22.19 -22.35 2.69
CA ALA B 257 -21.63 -23.09 1.56
C ALA B 257 -20.51 -24.04 1.92
N LYS B 258 -20.16 -24.96 1.02
CA LYS B 258 -19.06 -25.81 1.33
C LYS B 258 -17.72 -25.11 1.09
N TYR B 259 -17.68 -24.19 0.09
CA TYR B 259 -16.41 -23.48 -0.21
C TYR B 259 -16.80 -22.03 -0.65
N VAL B 260 -15.80 -21.12 -0.71
CA VAL B 260 -16.06 -19.78 -1.19
C VAL B 260 -14.96 -19.49 -2.26
N ILE B 261 -15.32 -18.71 -3.26
CA ILE B 261 -14.31 -18.11 -4.12
C ILE B 261 -14.35 -16.62 -3.90
N SER B 262 -13.19 -16.07 -3.58
CA SER B 262 -13.06 -14.61 -3.43
C SER B 262 -12.66 -14.04 -4.80
N ALA B 263 -13.56 -13.32 -5.47
CA ALA B 263 -13.25 -12.91 -6.87
C ALA B 263 -13.23 -11.35 -6.91
N ILE B 264 -12.65 -10.74 -5.88
CA ILE B 264 -12.60 -9.28 -5.74
C ILE B 264 -11.14 -8.87 -5.75
N PRO B 265 -10.81 -7.60 -6.09
CA PRO B 265 -9.41 -7.15 -6.08
C PRO B 265 -8.77 -7.49 -4.72
N PRO B 266 -7.49 -7.85 -4.70
CA PRO B 266 -6.94 -8.36 -3.42
C PRO B 266 -7.13 -7.44 -2.23
N THR B 267 -6.88 -6.16 -2.45
CA THR B 267 -6.97 -5.31 -1.25
C THR B 267 -8.42 -5.17 -0.74
N LEU B 268 -9.41 -5.38 -1.61
CA LEU B 268 -10.80 -5.22 -1.16
C LEU B 268 -11.22 -6.39 -0.26
N GLY B 269 -10.36 -7.43 -0.12
CA GLY B 269 -10.54 -8.38 1.00
C GLY B 269 -10.51 -7.71 2.36
N MET B 270 -9.96 -6.46 2.44
CA MET B 270 -10.00 -5.69 3.71
CA MET B 270 -10.01 -5.77 3.74
C MET B 270 -11.42 -5.40 4.19
N LYS B 271 -12.38 -5.33 3.26
CA LYS B 271 -13.74 -4.95 3.64
C LYS B 271 -14.54 -6.12 4.26
N ILE B 272 -13.89 -7.28 4.35
CA ILE B 272 -14.52 -8.50 4.92
C ILE B 272 -13.81 -8.80 6.29
N HIS B 273 -14.60 -9.02 7.35
CA HIS B 273 -14.05 -9.36 8.68
C HIS B 273 -13.99 -10.85 8.73
N PHE B 274 -12.82 -11.44 9.07
CA PHE B 274 -12.63 -12.89 8.94
C PHE B 274 -12.62 -13.57 10.31
N ASN B 275 -13.28 -14.71 10.35
CA ASN B 275 -13.21 -15.57 11.57
C ASN B 275 -12.97 -16.99 11.15
N PRO B 276 -11.84 -17.62 11.61
CA PRO B 276 -10.77 -17.01 12.38
C PRO B 276 -10.07 -15.94 11.56
N PRO B 277 -9.23 -15.13 12.22
CA PRO B 277 -8.47 -14.12 11.41
C PRO B 277 -7.68 -14.78 10.30
N LEU B 278 -7.41 -14.00 9.25
CA LEU B 278 -6.55 -14.52 8.21
C LEU B 278 -5.16 -14.84 8.71
N PRO B 279 -4.47 -15.72 7.97
CA PRO B 279 -3.07 -15.91 8.40
C PRO B 279 -2.27 -14.62 8.22
N MET B 280 -1.21 -14.51 8.99
CA MET B 280 -0.45 -13.33 9.03
C MET B 280 -0.05 -12.71 7.65
N MET B 281 0.47 -13.55 6.77
CA MET B 281 0.99 -13.02 5.51
C MET B 281 -0.12 -12.45 4.63
N ARG B 282 -1.30 -13.11 4.57
CA ARG B 282 -2.40 -12.48 3.79
C ARG B 282 -2.97 -11.26 4.52
N ASN B 283 -3.04 -11.32 5.86
CA ASN B 283 -3.54 -10.15 6.62
C ASN B 283 -2.75 -8.89 6.24
N GLN B 284 -1.41 -9.00 6.16
CA GLN B 284 -0.64 -7.83 5.74
C GLN B 284 -0.66 -7.61 4.25
N MET B 285 -0.68 -8.69 3.45
CA MET B 285 -0.61 -8.55 1.99
CA MET B 285 -0.59 -8.52 1.99
C MET B 285 -1.73 -7.60 1.46
N ILE B 286 -2.96 -7.78 2.00
CA ILE B 286 -4.08 -7.09 1.43
C ILE B 286 -4.14 -5.59 1.87
N THR B 287 -3.12 -5.12 2.66
CA THR B 287 -2.92 -3.69 2.90
C THR B 287 -1.74 -3.10 2.05
N ARG B 288 -1.11 -3.93 1.21
CA ARG B 288 0.14 -3.51 0.52
C ARG B 288 -0.02 -3.41 -0.99
N VAL B 289 -1.27 -3.55 -1.48
CA VAL B 289 -1.52 -3.82 -2.91
C VAL B 289 -2.59 -2.89 -3.48
N PRO B 290 -2.25 -1.65 -3.68
CA PRO B 290 -3.23 -0.67 -4.22
C PRO B 290 -3.53 -0.89 -5.71
N LEU B 291 -4.61 -0.29 -6.18
CA LEU B 291 -4.91 -0.27 -7.66
C LEU B 291 -4.54 1.09 -8.25
N GLY B 292 -4.30 1.13 -9.62
CA GLY B 292 -3.87 2.39 -10.20
C GLY B 292 -5.06 3.36 -10.32
N SER B 293 -4.78 4.47 -11.00
CA SER B 293 -5.64 5.61 -11.01
C SER B 293 -5.83 6.00 -12.47
N VAL B 294 -7.09 6.15 -12.88
CA VAL B 294 -7.39 6.51 -14.27
C VAL B 294 -8.80 7.09 -14.42
N ILE B 295 -8.93 8.09 -15.31
CA ILE B 295 -10.26 8.52 -15.81
C ILE B 295 -10.33 8.11 -17.24
N LYS B 296 -11.36 7.38 -17.66
CA LYS B 296 -11.49 7.05 -19.06
C LYS B 296 -12.51 8.01 -19.67
N CYS B 297 -12.15 8.66 -20.77
CA CYS B 297 -12.93 9.84 -21.28
C CYS B 297 -13.20 9.56 -22.72
N ILE B 298 -14.44 9.74 -23.18
CA ILE B 298 -14.74 9.49 -24.62
C ILE B 298 -15.49 10.75 -25.13
N VAL B 299 -14.81 11.40 -26.07
CA VAL B 299 -15.34 12.65 -26.73
C VAL B 299 -15.93 12.22 -28.06
N TYR B 300 -17.21 12.57 -28.29
CA TYR B 300 -17.91 12.18 -29.54
C TYR B 300 -17.94 13.36 -30.56
N TYR B 301 -17.96 12.99 -31.83
CA TYR B 301 -17.99 14.04 -32.85
C TYR B 301 -18.94 13.59 -33.95
N LYS B 302 -19.28 14.57 -34.81
CA LYS B 302 -20.21 14.24 -35.93
C LYS B 302 -19.58 13.25 -36.91
N GLU B 303 -18.25 13.35 -37.19
CA GLU B 303 -17.62 12.41 -38.09
C GLU B 303 -16.23 12.04 -37.53
N PRO B 304 -15.68 10.93 -38.01
CA PRO B 304 -14.31 10.62 -37.51
C PRO B 304 -13.35 11.41 -38.44
N PHE B 305 -13.32 12.74 -38.22
CA PHE B 305 -12.65 13.69 -39.13
C PHE B 305 -11.14 13.47 -39.27
N TRP B 306 -10.52 12.88 -38.26
CA TRP B 306 -9.12 12.60 -38.30
C TRP B 306 -8.78 11.67 -39.49
N ARG B 307 -9.69 10.76 -39.88
CA ARG B 307 -9.38 9.85 -40.94
C ARG B 307 -9.12 10.59 -42.27
N LYS B 308 -9.77 11.75 -42.47
CA LYS B 308 -9.57 12.53 -43.74
C LYS B 308 -8.17 13.05 -43.87
N LYS B 309 -7.47 13.20 -42.74
CA LYS B 309 -6.16 13.66 -42.68
C LYS B 309 -5.17 12.54 -42.58
N ASP B 310 -5.62 11.29 -42.83
CA ASP B 310 -4.75 10.11 -42.78
C ASP B 310 -4.19 9.90 -41.36
N TYR B 311 -5.00 10.21 -40.36
CA TYR B 311 -4.67 9.79 -38.99
C TYR B 311 -5.73 8.83 -38.43
N CYS B 312 -5.30 7.84 -37.65
CA CYS B 312 -6.29 6.80 -37.28
C CYS B 312 -6.94 7.17 -35.97
N GLY B 313 -6.39 8.17 -35.27
CA GLY B 313 -6.96 8.56 -33.99
C GLY B 313 -6.15 8.06 -32.80
N THR B 314 -5.14 7.23 -33.07
CA THR B 314 -4.18 6.86 -31.94
C THR B 314 -3.19 8.05 -31.79
N MET B 315 -3.05 8.53 -30.53
CA MET B 315 -2.10 9.61 -30.26
C MET B 315 -1.38 9.22 -28.95
N ILE B 316 -0.04 9.36 -29.01
CA ILE B 316 0.82 9.14 -27.83
C ILE B 316 1.28 10.55 -27.56
N ILE B 317 0.91 11.13 -26.41
CA ILE B 317 1.06 12.60 -26.22
C ILE B 317 1.91 12.79 -24.98
N ASP B 318 3.11 13.31 -25.19
CA ASP B 318 4.03 13.50 -24.06
C ASP B 318 3.84 14.81 -23.31
N GLY B 319 4.37 14.86 -22.10
CA GLY B 319 4.51 16.17 -21.44
C GLY B 319 3.51 16.32 -20.32
N GLU B 320 3.87 17.14 -19.34
CA GLU B 320 3.01 17.33 -18.21
C GLU B 320 1.71 18.06 -18.47
N GLU B 321 1.70 19.03 -19.41
CA GLU B 321 0.51 19.82 -19.50
C GLU B 321 -0.64 19.02 -20.15
N ALA B 322 -0.34 18.00 -20.97
CA ALA B 322 -1.43 17.26 -21.68
C ALA B 322 -2.21 16.46 -20.65
N PRO B 323 -3.52 16.65 -20.56
CA PRO B 323 -4.29 15.81 -19.60
C PRO B 323 -4.31 14.35 -19.94
N VAL B 324 -4.35 14.09 -21.22
CA VAL B 324 -4.46 12.71 -21.77
C VAL B 324 -3.19 12.36 -22.50
N ALA B 325 -2.58 11.22 -22.15
CA ALA B 325 -1.34 10.84 -22.77
C ALA B 325 -1.51 9.80 -23.82
N TYR B 326 -2.73 9.21 -23.90
CA TYR B 326 -2.89 8.19 -24.95
C TYR B 326 -4.37 8.15 -25.38
N THR B 327 -4.57 7.99 -26.68
CA THR B 327 -5.93 7.90 -27.24
C THR B 327 -5.97 6.78 -28.31
N LEU B 328 -7.20 6.28 -28.50
CA LEU B 328 -7.56 5.37 -29.62
C LEU B 328 -8.86 5.86 -30.24
N ASP B 329 -9.08 5.57 -31.54
CA ASP B 329 -10.38 5.82 -32.15
C ASP B 329 -11.44 4.86 -31.53
N ASP B 330 -12.56 5.45 -31.03
CA ASP B 330 -13.66 4.69 -30.42
C ASP B 330 -14.87 4.68 -31.32
N THR B 331 -14.70 5.08 -32.59
CA THR B 331 -15.89 5.08 -33.51
C THR B 331 -16.40 3.62 -33.69
N LYS B 332 -17.72 3.49 -33.85
CA LYS B 332 -18.34 2.16 -34.01
C LYS B 332 -17.96 1.60 -35.39
N PRO B 333 -18.14 0.28 -35.55
CA PRO B 333 -17.63 -0.41 -36.68
C PRO B 333 -18.29 0.16 -37.91
N GLU B 334 -19.49 0.73 -37.76
CA GLU B 334 -20.24 1.22 -38.88
C GLU B 334 -19.80 2.61 -39.32
N GLY B 335 -18.88 3.22 -38.59
CA GLY B 335 -18.31 4.53 -39.03
C GLY B 335 -19.09 5.62 -38.34
N ASN B 336 -20.10 5.20 -37.58
CA ASN B 336 -20.92 6.17 -36.82
C ASN B 336 -20.56 6.21 -35.36
N TYR B 337 -21.19 7.14 -34.65
CA TYR B 337 -20.86 7.53 -33.24
C TYR B 337 -19.38 7.81 -33.18
N ALA B 338 -18.88 8.64 -34.14
CA ALA B 338 -17.42 8.93 -34.12
C ALA B 338 -16.97 9.38 -32.74
N ALA B 339 -15.78 8.97 -32.31
CA ALA B 339 -15.36 9.35 -30.99
C ALA B 339 -13.85 9.03 -30.82
N ILE B 340 -13.23 9.76 -29.89
CA ILE B 340 -11.88 9.44 -29.43
C ILE B 340 -11.94 9.05 -28.00
N MET B 341 -11.33 7.90 -27.69
CA MET B 341 -11.21 7.51 -26.28
C MET B 341 -9.82 7.95 -25.81
N GLY B 342 -9.75 8.57 -24.63
CA GLY B 342 -8.42 8.93 -24.08
C GLY B 342 -8.41 8.60 -22.57
N PHE B 343 -7.20 8.41 -22.03
CA PHE B 343 -7.07 8.11 -20.59
C PHE B 343 -6.34 9.25 -19.96
N ILE B 344 -6.84 9.68 -18.78
CA ILE B 344 -6.14 10.59 -17.87
C ILE B 344 -5.50 9.68 -16.85
N LEU B 345 -4.16 9.66 -16.86
CA LEU B 345 -3.39 8.58 -16.14
C LEU B 345 -2.74 9.01 -14.84
N ALA B 346 -2.83 8.12 -13.83
CA ALA B 346 -1.94 8.21 -12.64
C ALA B 346 -2.10 9.55 -11.95
N HIS B 347 -1.05 10.31 -11.70
CA HIS B 347 -1.24 11.57 -10.94
C HIS B 347 -2.18 12.57 -11.61
N LYS B 348 -2.29 12.50 -12.97
CA LYS B 348 -3.19 13.45 -13.60
C LYS B 348 -4.61 13.11 -13.29
N ALA B 349 -4.97 11.84 -12.99
CA ALA B 349 -6.35 11.51 -12.65
C ALA B 349 -6.64 12.18 -11.31
N ARG B 350 -5.63 12.18 -10.40
CA ARG B 350 -5.78 12.83 -9.12
C ARG B 350 -5.88 14.32 -9.31
N LYS B 351 -5.03 14.87 -10.17
CA LYS B 351 -4.98 16.33 -10.36
C LYS B 351 -6.22 16.88 -10.98
N LEU B 352 -6.69 16.24 -12.04
CA LEU B 352 -7.78 16.76 -12.81
C LEU B 352 -9.16 16.34 -12.32
N ALA B 353 -9.24 15.50 -11.29
CA ALA B 353 -10.56 15.06 -10.81
C ALA B 353 -11.28 16.22 -10.13
N ARG B 354 -10.56 17.23 -9.69
CA ARG B 354 -11.18 18.43 -9.10
C ARG B 354 -11.99 19.30 -10.10
N LEU B 355 -11.64 19.24 -11.39
CA LEU B 355 -12.42 19.96 -12.40
C LEU B 355 -13.85 19.45 -12.55
N THR B 356 -14.71 20.20 -13.24
CA THR B 356 -15.98 19.66 -13.60
C THR B 356 -15.86 18.86 -14.86
N LYS B 357 -16.89 18.10 -15.20
CA LYS B 357 -16.94 17.31 -16.41
C LYS B 357 -16.78 18.20 -17.69
N GLU B 358 -17.46 19.37 -17.70
CA GLU B 358 -17.32 20.33 -18.83
C GLU B 358 -15.93 20.92 -18.91
N GLU B 359 -15.30 21.21 -17.77
CA GLU B 359 -13.90 21.70 -17.80
C GLU B 359 -12.94 20.61 -18.35
N ARG B 360 -13.11 19.35 -17.96
CA ARG B 360 -12.31 18.32 -18.56
C ARG B 360 -12.60 18.19 -20.09
N LEU B 361 -13.87 18.24 -20.51
CA LEU B 361 -14.16 18.18 -21.92
C LEU B 361 -13.44 19.28 -22.69
N LYS B 362 -13.50 20.51 -22.19
CA LYS B 362 -12.79 21.62 -22.89
C LYS B 362 -11.26 21.33 -23.00
N LYS B 363 -10.60 20.88 -21.93
CA LYS B 363 -9.17 20.61 -21.98
C LYS B 363 -8.88 19.52 -22.97
N LEU B 364 -9.70 18.48 -22.97
CA LEU B 364 -9.48 17.41 -23.94
C LEU B 364 -9.62 17.84 -25.40
N CYS B 365 -10.71 18.58 -25.68
CA CYS B 365 -10.92 19.03 -27.00
C CYS B 365 -9.82 19.98 -27.49
N GLU B 366 -9.39 20.91 -26.63
CA GLU B 366 -8.27 21.80 -27.05
C GLU B 366 -6.98 21.00 -27.28
N LEU B 367 -6.71 19.99 -26.43
CA LEU B 367 -5.54 19.12 -26.64
C LEU B 367 -5.68 18.38 -28.01
N TYR B 368 -6.84 17.77 -28.29
CA TYR B 368 -6.95 16.99 -29.53
C TYR B 368 -6.88 17.89 -30.75
N ALA B 369 -7.37 19.12 -30.60
CA ALA B 369 -7.34 20.08 -31.79
C ALA B 369 -5.84 20.34 -32.11
N LYS B 370 -5.01 20.47 -31.08
CA LYS B 370 -3.58 20.73 -31.29
C LYS B 370 -2.89 19.49 -31.89
N VAL B 371 -3.19 18.34 -31.30
CA VAL B 371 -2.49 17.20 -31.73
C VAL B 371 -2.94 16.66 -33.10
N LEU B 372 -4.25 16.67 -33.35
CA LEU B 372 -4.76 16.31 -34.71
C LEU B 372 -4.66 17.46 -35.70
N GLY B 373 -4.33 18.66 -35.22
CA GLY B 373 -4.18 19.82 -36.11
C GLY B 373 -5.50 20.10 -36.82
N SER B 374 -6.59 20.11 -36.04
CA SER B 374 -7.95 20.29 -36.60
C SER B 374 -8.85 21.06 -35.66
N LEU B 375 -9.50 22.13 -36.19
CA LEU B 375 -10.48 22.85 -35.42
C LEU B 375 -11.73 22.00 -35.18
N GLU B 376 -11.87 20.92 -35.93
CA GLU B 376 -13.09 20.09 -35.76
C GLU B 376 -13.13 19.44 -34.40
N ALA B 377 -11.95 19.27 -33.80
CA ALA B 377 -11.89 18.71 -32.43
C ALA B 377 -12.50 19.63 -31.39
N LEU B 378 -12.69 20.93 -31.68
CA LEU B 378 -13.34 21.82 -30.78
C LEU B 378 -14.87 21.81 -30.80
N GLU B 379 -15.47 20.94 -31.55
CA GLU B 379 -16.95 20.84 -31.70
C GLU B 379 -17.48 19.47 -31.31
N PRO B 380 -17.28 19.09 -30.01
CA PRO B 380 -17.79 17.77 -29.59
C PRO B 380 -19.34 17.80 -29.66
N VAL B 381 -19.89 16.63 -29.90
CA VAL B 381 -21.36 16.49 -29.85
C VAL B 381 -21.85 15.80 -28.60
N HIS B 382 -20.96 15.13 -27.89
CA HIS B 382 -21.39 14.43 -26.69
C HIS B 382 -20.08 14.06 -25.93
N TYR B 383 -20.21 13.75 -24.64
CA TYR B 383 -18.99 13.36 -23.82
C TYR B 383 -19.44 12.38 -22.78
N GLU B 384 -18.63 11.32 -22.53
CA GLU B 384 -18.86 10.40 -21.41
C GLU B 384 -17.50 10.19 -20.73
N GLU B 385 -17.53 10.07 -19.41
CA GLU B 385 -16.27 9.76 -18.73
C GLU B 385 -16.53 8.96 -17.45
N LYS B 386 -15.50 8.31 -16.91
CA LYS B 386 -15.64 7.60 -15.63
C LYS B 386 -14.33 7.66 -14.91
N ASN B 387 -14.42 8.16 -13.69
CA ASN B 387 -13.16 8.22 -12.85
C ASN B 387 -13.17 6.99 -11.92
N TRP B 388 -12.34 6.00 -12.26
CA TRP B 388 -12.38 4.76 -11.46
C TRP B 388 -11.77 4.91 -10.04
N CYS B 389 -11.16 6.06 -9.76
CA CYS B 389 -10.56 6.22 -8.47
C CYS B 389 -11.67 6.38 -7.41
N GLU B 390 -12.88 6.71 -7.85
CA GLU B 390 -14.00 6.99 -6.93
C GLU B 390 -14.69 5.70 -6.46
N GLU B 391 -14.36 4.53 -7.05
CA GLU B 391 -15.21 3.37 -6.84
C GLU B 391 -14.85 2.59 -5.58
N GLN B 392 -15.74 2.62 -4.58
CA GLN B 392 -15.53 1.84 -3.34
C GLN B 392 -15.28 0.35 -3.56
N TYR B 393 -16.02 -0.23 -4.52
CA TYR B 393 -15.89 -1.65 -4.77
C TYR B 393 -15.00 -2.03 -5.93
N SER B 394 -14.19 -1.08 -6.47
CA SER B 394 -13.04 -1.47 -7.25
C SER B 394 -11.72 -1.05 -6.61
N GLY B 395 -11.62 0.20 -6.15
CA GLY B 395 -10.39 0.72 -5.50
C GLY B 395 -9.50 1.42 -6.55
N GLY B 396 -9.85 1.28 -7.80
CA GLY B 396 -9.13 1.99 -8.90
C GLY B 396 -9.18 1.15 -10.21
N CYS B 397 -8.38 1.49 -11.23
CA CYS B 397 -8.31 0.69 -12.47
C CYS B 397 -6.92 0.97 -13.11
N TYR B 398 -6.43 0.13 -14.01
CA TYR B 398 -7.11 -1.12 -14.43
C TYR B 398 -6.97 -2.18 -13.37
N THR B 399 -5.82 -2.15 -12.69
CA THR B 399 -5.53 -3.33 -11.90
C THR B 399 -4.64 -2.98 -10.65
N THR B 400 -4.29 -4.01 -9.88
CA THR B 400 -3.42 -3.82 -8.67
C THR B 400 -1.97 -3.76 -9.06
N TYR B 401 -1.24 -2.78 -8.50
CA TYR B 401 0.20 -2.72 -8.75
C TYR B 401 0.92 -3.03 -7.43
N PHE B 402 2.19 -3.45 -7.56
CA PHE B 402 2.99 -3.82 -6.32
C PHE B 402 4.09 -2.78 -6.14
N PRO B 403 4.07 -2.05 -5.00
CA PRO B 403 5.18 -1.11 -4.69
C PRO B 403 6.46 -1.93 -4.45
N PRO B 404 7.61 -1.22 -4.37
CA PRO B 404 8.89 -1.91 -4.16
C PRO B 404 8.85 -2.80 -2.89
N GLY B 405 9.38 -4.01 -3.09
CA GLY B 405 9.54 -4.98 -1.98
C GLY B 405 8.37 -5.93 -1.69
N ILE B 406 7.20 -5.64 -2.26
CA ILE B 406 6.00 -6.39 -1.87
C ILE B 406 5.83 -7.72 -2.61
N LEU B 407 6.18 -7.78 -3.89
CA LEU B 407 5.90 -9.02 -4.59
C LEU B 407 6.78 -10.19 -4.08
N THR B 408 8.05 -9.91 -3.75
CA THR B 408 8.91 -11.00 -3.30
C THR B 408 8.45 -11.40 -1.91
N GLN B 409 8.02 -10.44 -1.07
CA GLN B 409 7.68 -10.77 0.35
C GLN B 409 6.31 -11.38 0.49
N TYR B 410 5.37 -10.98 -0.41
CA TYR B 410 3.98 -11.39 -0.25
C TYR B 410 3.34 -12.04 -1.43
N GLY B 411 4.01 -12.08 -2.58
CA GLY B 411 3.38 -12.53 -3.85
C GLY B 411 2.84 -13.95 -3.74
N ARG B 412 3.61 -14.77 -3.05
CA ARG B 412 3.21 -16.22 -2.97
C ARG B 412 1.84 -16.38 -2.34
N VAL B 413 1.40 -15.40 -1.53
CA VAL B 413 0.12 -15.58 -0.82
C VAL B 413 -1.06 -15.28 -1.70
N LEU B 414 -0.88 -14.59 -2.89
CA LEU B 414 -2.10 -14.11 -3.59
C LEU B 414 -3.08 -15.19 -3.94
N ARG B 415 -2.58 -16.33 -4.43
CA ARG B 415 -3.57 -17.30 -4.74
C ARG B 415 -3.58 -18.54 -3.84
N GLN B 416 -2.93 -18.40 -2.66
CA GLN B 416 -2.91 -19.52 -1.71
C GLN B 416 -4.28 -19.63 -1.05
N PRO B 417 -4.93 -20.83 -1.11
CA PRO B 417 -6.21 -20.96 -0.42
C PRO B 417 -6.08 -20.70 1.09
N VAL B 418 -7.15 -20.22 1.72
CA VAL B 418 -7.26 -20.06 3.18
C VAL B 418 -8.41 -20.93 3.62
N ASP B 419 -8.00 -22.13 4.02
CA ASP B 419 -8.98 -23.22 4.40
C ASP B 419 -9.91 -23.52 3.25
N ARG B 420 -11.15 -23.02 3.26
CA ARG B 420 -12.10 -23.36 2.17
C ARG B 420 -12.41 -22.11 1.31
N ILE B 421 -11.53 -21.10 1.43
CA ILE B 421 -11.65 -19.93 0.52
C ILE B 421 -10.57 -20.02 -0.54
N TYR B 422 -10.97 -19.93 -1.80
CA TYR B 422 -10.06 -20.01 -2.93
C TYR B 422 -10.09 -18.64 -3.60
N PHE B 423 -9.04 -18.30 -4.36
CA PHE B 423 -8.89 -16.85 -4.83
C PHE B 423 -8.87 -16.75 -6.30
N ALA B 424 -9.89 -16.09 -6.85
CA ALA B 424 -9.93 -15.82 -8.29
C ALA B 424 -9.57 -14.30 -8.41
N GLY B 425 -10.13 -13.64 -9.44
CA GLY B 425 -9.70 -12.24 -9.77
C GLY B 425 -8.52 -12.18 -10.67
N THR B 426 -8.57 -11.18 -11.55
CA THR B 426 -7.56 -11.12 -12.58
C THR B 426 -6.14 -10.99 -11.99
N GLU B 427 -6.02 -10.32 -10.83
CA GLU B 427 -4.70 -10.26 -10.20
C GLU B 427 -4.05 -11.59 -9.91
N THR B 428 -4.82 -12.68 -9.86
CA THR B 428 -4.22 -14.00 -9.58
C THR B 428 -3.91 -14.77 -10.83
N ALA B 429 -4.15 -14.18 -12.00
CA ALA B 429 -3.87 -14.93 -13.25
C ALA B 429 -2.34 -14.98 -13.55
N THR B 430 -1.98 -15.91 -14.46
CA THR B 430 -0.56 -15.99 -14.87
C THR B 430 -0.30 -15.53 -16.29
N HIS B 431 -1.37 -15.26 -17.06
CA HIS B 431 -1.21 -14.72 -18.43
C HIS B 431 -2.34 -13.62 -18.54
N TRP B 432 -1.95 -12.42 -18.97
CA TRP B 432 -2.84 -11.23 -19.01
C TRP B 432 -3.55 -11.01 -17.69
N SER B 433 -2.85 -11.23 -16.60
CA SER B 433 -3.31 -10.72 -15.31
C SER B 433 -3.48 -9.19 -15.49
N GLY B 434 -4.57 -8.63 -14.90
CA GLY B 434 -4.86 -7.18 -15.03
C GLY B 434 -5.97 -6.98 -16.11
N TYR B 435 -6.21 -8.01 -16.94
CA TYR B 435 -7.15 -7.89 -18.05
C TYR B 435 -8.38 -8.80 -17.89
N MET B 436 -9.36 -8.60 -18.76
CA MET B 436 -10.52 -9.52 -18.78
C MET B 436 -10.03 -10.96 -19.03
N GLU B 437 -9.03 -11.14 -19.87
CA GLU B 437 -8.48 -12.51 -20.15
C GLU B 437 -8.02 -13.12 -18.80
N GLY B 438 -7.25 -12.38 -17.98
CA GLY B 438 -6.80 -12.93 -16.65
C GLY B 438 -7.94 -13.16 -15.70
N ALA B 439 -9.01 -12.39 -15.83
CA ALA B 439 -10.16 -12.62 -14.95
C ALA B 439 -10.77 -14.03 -15.27
N VAL B 440 -10.88 -14.35 -16.60
CA VAL B 440 -11.45 -15.70 -17.00
C VAL B 440 -10.50 -16.80 -16.52
N GLU B 441 -9.19 -16.66 -16.82
CA GLU B 441 -8.23 -17.67 -16.42
C GLU B 441 -8.35 -17.92 -14.91
N ALA B 442 -8.35 -16.87 -14.07
CA ALA B 442 -8.35 -17.06 -12.62
C ALA B 442 -9.66 -17.62 -12.06
N GLY B 443 -10.79 -17.18 -12.64
CA GLY B 443 -12.11 -17.65 -12.12
C GLY B 443 -12.28 -19.14 -12.44
N GLU B 444 -11.86 -19.53 -13.63
CA GLU B 444 -12.00 -20.93 -14.02
C GLU B 444 -11.02 -21.77 -13.23
N ARG B 445 -9.78 -21.29 -13.02
CA ARG B 445 -8.82 -22.12 -12.25
C ARG B 445 -9.29 -22.23 -10.75
N ALA B 446 -9.74 -21.13 -10.15
CA ALA B 446 -10.23 -21.18 -8.77
C ALA B 446 -11.43 -22.16 -8.72
N ALA B 447 -12.34 -22.08 -9.71
CA ALA B 447 -13.47 -23.09 -9.71
C ALA B 447 -12.95 -24.56 -9.76
N ARG B 448 -11.99 -24.80 -10.63
CA ARG B 448 -11.34 -26.13 -10.75
C ARG B 448 -10.56 -26.56 -9.50
N GLU B 449 -9.95 -25.66 -8.70
CA GLU B 449 -9.33 -26.02 -7.43
C GLU B 449 -10.45 -26.59 -6.53
N ILE B 450 -11.66 -25.98 -6.56
CA ILE B 450 -12.79 -26.46 -5.73
C ILE B 450 -13.26 -27.84 -6.24
N LEU B 451 -13.42 -27.95 -7.55
CA LEU B 451 -13.80 -29.29 -8.12
C LEU B 451 -12.76 -30.37 -7.70
N HIS B 452 -11.46 -30.07 -7.74
CA HIS B 452 -10.43 -31.01 -7.26
C HIS B 452 -10.58 -31.26 -5.73
N ALA B 453 -10.76 -30.22 -4.93
CA ALA B 453 -11.01 -30.41 -3.46
C ALA B 453 -12.22 -31.34 -3.18
N MET B 454 -13.21 -31.30 -4.08
CA MET B 454 -14.38 -32.20 -3.98
C MET B 454 -14.14 -33.58 -4.53
N GLY B 455 -12.95 -33.85 -5.02
CA GLY B 455 -12.69 -35.16 -5.65
C GLY B 455 -13.32 -35.39 -6.99
N LYS B 456 -13.87 -34.33 -7.60
CA LYS B 456 -14.52 -34.38 -8.92
C LYS B 456 -13.56 -34.42 -10.12
N ILE B 457 -12.37 -33.83 -10.04
CA ILE B 457 -11.42 -33.89 -11.11
C ILE B 457 -10.05 -34.12 -10.55
N PRO B 458 -9.09 -34.63 -11.33
CA PRO B 458 -7.77 -34.79 -10.76
C PRO B 458 -6.90 -33.52 -10.67
N GLU B 459 -5.78 -33.60 -9.98
CA GLU B 459 -4.93 -32.42 -9.78
C GLU B 459 -4.48 -31.75 -11.07
N ASP B 460 -4.19 -32.59 -12.07
CA ASP B 460 -3.63 -32.12 -13.33
C ASP B 460 -4.63 -31.35 -14.17
N GLU B 461 -5.88 -31.32 -13.74
CA GLU B 461 -6.94 -30.60 -14.54
C GLU B 461 -7.20 -29.24 -13.90
N ILE B 462 -6.53 -28.95 -12.80
CA ILE B 462 -6.71 -27.58 -12.19
C ILE B 462 -6.30 -26.46 -13.17
N TRP B 463 -5.14 -26.60 -13.85
CA TRP B 463 -4.79 -25.58 -14.81
C TRP B 463 -5.00 -26.16 -16.16
N GLN B 464 -5.68 -25.44 -17.05
CA GLN B 464 -6.12 -26.01 -18.31
C GLN B 464 -5.63 -25.09 -19.46
N SER B 465 -4.99 -25.63 -20.49
CA SER B 465 -4.63 -24.78 -21.67
C SER B 465 -5.91 -24.39 -22.43
N GLU B 466 -5.78 -23.43 -23.34
CA GLU B 466 -6.92 -22.91 -24.13
C GLU B 466 -6.57 -22.93 -25.58
N PRO B 467 -7.37 -23.57 -26.41
CA PRO B 467 -7.06 -23.60 -27.84
C PRO B 467 -7.06 -22.17 -28.39
N GLU B 468 -6.27 -21.93 -29.42
CA GLU B 468 -6.28 -20.57 -30.02
C GLU B 468 -7.58 -20.21 -30.71
N SER B 469 -8.06 -18.96 -30.46
CA SER B 469 -9.28 -18.44 -31.11
C SER B 469 -9.12 -18.54 -32.64
N VAL B 470 -10.15 -19.01 -33.37
CA VAL B 470 -10.05 -19.03 -34.85
C VAL B 470 -10.37 -17.67 -35.44
N ASP B 471 -11.05 -16.84 -34.69
CA ASP B 471 -11.49 -15.50 -35.12
C ASP B 471 -10.42 -14.46 -34.96
N VAL B 472 -9.57 -14.69 -33.92
CA VAL B 472 -8.55 -13.68 -33.56
C VAL B 472 -7.20 -14.38 -33.40
N PRO B 473 -6.69 -14.94 -34.49
CA PRO B 473 -5.45 -15.69 -34.33
C PRO B 473 -4.24 -14.76 -34.07
N ALA B 474 -3.25 -15.30 -33.39
CA ALA B 474 -2.00 -14.49 -33.16
C ALA B 474 -0.99 -14.67 -34.26
N GLN B 475 -0.34 -13.58 -34.65
CA GLN B 475 0.79 -13.60 -35.54
C GLN B 475 2.04 -13.46 -34.68
N PRO B 476 3.14 -14.06 -35.17
CA PRO B 476 4.39 -13.96 -34.40
C PRO B 476 4.88 -12.51 -34.22
N ILE B 477 5.50 -12.26 -33.06
CA ILE B 477 6.20 -10.97 -32.81
C ILE B 477 7.61 -11.23 -33.25
N THR B 478 8.13 -10.46 -34.20
CA THR B 478 9.52 -10.68 -34.61
C THR B 478 10.38 -9.47 -34.34
N THR B 479 11.69 -9.69 -34.49
CA THR B 479 12.70 -8.62 -34.36
C THR B 479 13.64 -8.65 -35.56
N THR B 480 14.29 -7.53 -35.87
CA THR B 480 15.26 -7.54 -36.98
C THR B 480 16.65 -7.88 -36.44
N PHE B 481 17.56 -8.22 -37.34
CA PHE B 481 18.95 -8.45 -36.93
C PHE B 481 19.51 -7.22 -36.16
N LEU B 482 19.31 -6.03 -36.72
CA LEU B 482 19.80 -4.80 -36.08
C LEU B 482 19.16 -4.57 -34.70
N GLU B 483 17.85 -4.78 -34.59
CA GLU B 483 17.22 -4.65 -33.24
C GLU B 483 17.91 -5.57 -32.25
N ARG B 484 18.25 -6.80 -32.66
CA ARG B 484 18.81 -7.77 -31.72
C ARG B 484 20.26 -7.42 -31.30
N HIS B 485 21.01 -6.84 -32.24
CA HIS B 485 22.48 -6.76 -32.14
C HIS B 485 23.05 -5.36 -32.03
N LEU B 486 22.30 -4.33 -32.32
CA LEU B 486 22.85 -3.03 -32.04
C LEU B 486 23.26 -2.82 -30.57
N PRO B 487 24.35 -2.11 -30.33
CA PRO B 487 24.84 -1.97 -28.99
C PRO B 487 23.94 -0.95 -28.24
N SER B 488 23.94 -1.01 -26.90
CA SER B 488 23.39 0.06 -26.10
C SER B 488 24.33 1.26 -26.12
N VAL B 489 23.95 2.39 -25.52
CA VAL B 489 24.85 3.59 -25.41
C VAL B 489 26.15 3.24 -24.62
N PRO B 490 26.01 2.64 -23.42
CA PRO B 490 27.29 2.28 -22.72
C PRO B 490 28.04 1.14 -23.41
N GLY B 491 27.35 0.39 -24.28
CA GLY B 491 27.98 -0.64 -25.12
C GLY B 491 28.85 0.01 -26.19
N LEU B 492 28.28 0.97 -26.93
CA LEU B 492 29.00 1.76 -27.91
C LEU B 492 30.20 2.50 -27.29
N LEU B 493 30.07 2.97 -26.04
CA LEU B 493 31.18 3.63 -25.32
C LEU B 493 32.28 2.64 -24.88
N ARG B 494 31.94 1.37 -24.61
CA ARG B 494 32.95 0.31 -24.39
C ARG B 494 33.66 -0.10 -25.70
N LEU B 495 33.44 0.65 -26.79
CA LEU B 495 34.24 0.58 -28.03
C LEU B 495 34.94 1.93 -28.35
N ILE B 496 35.20 2.73 -27.32
CA ILE B 496 35.86 4.02 -27.44
C ILE B 496 36.69 4.32 -26.18
#